data_8XJO
#
_entry.id   8XJO
#
_cell.length_a   1.00
_cell.length_b   1.00
_cell.length_c   1.00
_cell.angle_alpha   90.00
_cell.angle_beta   90.00
_cell.angle_gamma   90.00
#
_symmetry.space_group_name_H-M   'P 1'
#
loop_
_entity.id
_entity.type
_entity.pdbx_description
1 polymer 'Engineered miniGq'
2 polymer 'Guanine nucleotide-binding protein G(I)/G(S)/G(T) subunit beta-1'
3 polymer 'Guanine nucleotide-binding protein G(I)/G(S)/G(O) subunit gamma-2'
4 polymer 'Antibody fragment scFv16'
5 polymer 'Fusion tag,Thromboxane A2 receptor,LgBiT'
6 non-polymer '(5Z)-7-{(1R,4S,5S,6R)-6-[(1E,3S)-3-hydroxyoct-1-en-1-yl]-2-oxabicyclo[2.2.1]hept-5-yl}hept-5-enoic acid'
#
loop_
_entity_poly.entity_id
_entity_poly.type
_entity_poly.pdbx_seq_one_letter_code
_entity_poly.pdbx_strand_id
1 'polypeptide(L)'
;MGCTLSAEDKAAVERSKMIEKQLQKDKQVYRRTLRLLLLGADNSGKSTIVKQMRILHGGSGGSGGTSGIFETKFQVDKVN
FHMFDVGAQRDERRKWIQCFNDVTAIIFVVDSSDYNRLQEALNDFKSIWNNRWLRTISVILFLNKQDLLAEKVLAGKSKI
EDYFPEFARYTTPEDATPEPGEDPRVTRAKYFIRKEFVDISTASGDGRHICYPHFTCSVDTENARRIFNDCKDIILQMNL
REYNLV
;
A
2 'polypeptide(L)'
;MHHHHHHGSSGSELDQLRQEAEQLKNQIRDARKACADATLSQITNNIDPVGRIQMRTRRTLRGHLAKIYAMHWGTDSRLL
VSASQDGKLIIWDSYTTNKVHAIPLRSSWVMTCAYAPSGNYVACGGLDNICSIYNLKTREGNVRVSRELAGHTGYLSCCR
FLDDNQIVTSSGDTTCALWDIETGQQTTTFTGHTGDVMSLSLAPDTRLFVSGACDASAKLWDVREGMCRQTFTGHESDIN
AICFFPNGNAFATGSDDATCRLFDLRADQELMTYSHDNIICGITSVSFSKSGRLLLAGYDDFNCNVWDALKADRAGVLAG
HDNRVSCLGVTDDGMAVATGSWDSFLKIWNGSSGGGGSGGGGSSGVSGWRLFKKIS
;
B
3 'polypeptide(L)' MASNNTASIAQARKLVEQLKMEANIDRIKVSKAAADLMAYCEAHAKEDPLLTPVPASENPFREKKFFCAIL C
4 'polypeptide(L)'
;DVQLVESGGGLVQPGGSRKLSCSASGFAFSSFGMHWVRQAPEKGLEWVAYISSGSGTIYYADTVKGRFTISRDDPKNTLF
LQMTSLRSEDTAMYYCVRSIYYYGSSPFDFWGQGTTLTVSSGGGGSGGGGSGGGGSDIVMTQATSSVPVTPGESVSISCR
SSKSLLHSNGNTYLYWFLQRPGQSPQLLIYRMSNLASGVPDRFSGSGSGTAFTLTISRLEAEDVGVYYCMQHLEYPLTFG
AGTKLELLEENLYFQ
;
E
5 'polypeptide(L)'
;DYKDDDDHHHHHHHHGQPGNGSAFLLAPNGSHAPDHNVTQQRDEENLYFQGVDMWPNGSSLGPCFRPTNITLEERRLIAS
PWFAASFCVVGLASNLLALSVLAGARQGGSHTRSSFLTFLCGLVLTDFLGLLVTGTIVVSQHAALFEWHAVDPGCRLCRF
MGVVMIFFGLSPLLLGAAMASERYLGITRPFSRPAVASQRRAWATVGLVWAAALALGLLPLLGVGRYTVQYPGSWCFLTL
GAESGDVAFGLLFSMLGGLSVGLSFLLNTVSVATLCHVYHGQEAAQQRPRDSEVEMMAQLLGIMVVASVCWLPLLVFIAQ
TVLRNPPAMSPAGQLSRTTEKELLIYLRVATWNQILDPWVYILFRRAVLRRLQPRLSTRPRSLSHMGSSGGGGSGGGGSS
GVFTLEDFVGDWEQTAAYNLDQVLEQGGVSSLLQNLAVSVTPIQRIVRSGENALKIDIHVIIPYEGLSADQMAQIEEVFK
VVYPVDDHHFKVILPYGTLVIDGVTPNMLNYFGRPYEGIAVFDGKKITVTGTLWNGNKIIDERLITPDGSMLFRVTINS
;
R
#
# COMPACT_ATOMS: atom_id res chain seq x y z
N LEU A 5 -0.18 -2.85 26.95
CA LEU A 5 0.18 -4.11 26.33
C LEU A 5 0.67 -5.12 27.37
N SER A 6 0.21 -6.35 27.23
CA SER A 6 0.64 -7.43 28.12
C SER A 6 1.97 -7.97 27.64
N ALA A 7 2.47 -9.04 28.28
CA ALA A 7 3.73 -9.63 27.87
C ALA A 7 3.62 -10.25 26.48
N GLU A 8 2.48 -10.89 26.18
CA GLU A 8 2.31 -11.50 24.88
C GLU A 8 2.00 -10.48 23.79
N ASP A 9 1.27 -9.40 24.12
CA ASP A 9 0.96 -8.40 23.11
C ASP A 9 2.22 -7.74 22.58
N LYS A 10 3.17 -7.42 23.47
CA LYS A 10 4.41 -6.81 23.03
C LYS A 10 5.19 -7.75 22.13
N ALA A 11 5.17 -9.04 22.43
CA ALA A 11 5.82 -10.02 21.57
C ALA A 11 5.10 -10.14 20.24
N ALA A 12 3.77 -10.02 20.24
CA ALA A 12 3.01 -10.01 19.00
C ALA A 12 3.36 -8.78 18.16
N VAL A 13 3.49 -7.62 18.81
CA VAL A 13 3.89 -6.41 18.10
C VAL A 13 5.29 -6.55 17.54
N GLU A 14 6.18 -7.22 18.29
CA GLU A 14 7.52 -7.47 17.77
C GLU A 14 7.46 -8.35 16.53
N ARG A 15 6.55 -9.33 16.51
CA ARG A 15 6.33 -10.12 15.31
C ARG A 15 5.83 -9.26 14.16
N SER A 16 4.91 -8.34 14.46
CA SER A 16 4.37 -7.49 13.41
C SER A 16 5.43 -6.60 12.81
N LYS A 17 6.32 -6.04 13.64
CA LYS A 17 7.35 -5.16 13.13
C LYS A 17 8.42 -5.89 12.34
N MET A 18 8.62 -7.19 12.58
CA MET A 18 9.53 -7.95 11.75
C MET A 18 8.92 -8.27 10.38
N ILE A 19 7.60 -8.40 10.32
CA ILE A 19 6.93 -8.54 9.03
C ILE A 19 7.08 -7.26 8.22
N GLU A 20 6.91 -6.11 8.88
CA GLU A 20 7.08 -4.84 8.18
C GLU A 20 8.49 -4.66 7.67
N LYS A 21 9.49 -5.17 8.41
CA LYS A 21 10.86 -5.11 7.94
C LYS A 21 11.04 -5.97 6.70
N GLN A 22 10.35 -7.12 6.63
CA GLN A 22 10.45 -7.95 5.45
C GLN A 22 9.68 -7.35 4.28
N LEU A 23 8.60 -6.63 4.55
CA LEU A 23 7.88 -5.96 3.48
C LEU A 23 8.72 -4.82 2.90
N GLN A 24 9.50 -4.14 3.74
CA GLN A 24 10.37 -3.08 3.26
C GLN A 24 11.46 -3.64 2.35
N LYS A 25 12.03 -4.80 2.70
CA LYS A 25 13.05 -5.40 1.83
C LYS A 25 12.47 -5.74 0.47
N ASP A 26 11.25 -6.27 0.43
CA ASP A 26 10.61 -6.57 -0.85
C ASP A 26 10.15 -5.32 -1.58
N LYS A 27 9.93 -4.22 -0.86
CA LYS A 27 9.52 -2.98 -1.53
C LYS A 27 10.63 -2.44 -2.41
N GLN A 28 11.88 -2.49 -1.94
CA GLN A 28 12.98 -1.92 -2.71
C GLN A 28 13.18 -2.69 -4.00
N VAL A 29 13.00 -4.01 -3.98
CA VAL A 29 13.08 -4.79 -5.20
C VAL A 29 11.93 -4.45 -6.14
N TYR A 30 10.76 -4.14 -5.58
CA TYR A 30 9.58 -3.89 -6.40
C TYR A 30 9.74 -2.64 -7.25
N ARG A 31 10.24 -1.54 -6.66
CA ARG A 31 10.36 -0.29 -7.41
C ARG A 31 11.49 -0.35 -8.43
N ARG A 32 12.59 -1.01 -8.10
CA ARG A 32 13.73 -1.06 -9.00
C ARG A 32 13.49 -1.97 -10.20
N THR A 33 12.39 -2.73 -10.20
CA THR A 33 12.03 -3.60 -11.32
C THR A 33 10.90 -2.97 -12.11
N LEU A 34 11.10 -2.83 -13.42
CA LEU A 34 10.08 -2.24 -14.29
C LEU A 34 9.17 -3.34 -14.82
N ARG A 35 7.87 -3.03 -14.86
CA ARG A 35 6.86 -3.98 -15.28
C ARG A 35 6.38 -3.61 -16.68
N LEU A 36 6.45 -4.56 -17.60
CA LEU A 36 6.10 -4.36 -19.00
C LEU A 36 5.02 -5.35 -19.38
N LEU A 37 3.97 -4.86 -20.02
CA LEU A 37 2.89 -5.71 -20.52
C LEU A 37 3.13 -6.00 -21.99
N LEU A 38 3.06 -7.27 -22.36
CA LEU A 38 3.29 -7.71 -23.73
C LEU A 38 1.96 -8.13 -24.34
N LEU A 39 1.58 -7.46 -25.42
CA LEU A 39 0.31 -7.72 -26.10
C LEU A 39 0.56 -7.89 -27.58
N GLY A 40 -0.34 -8.63 -28.24
CA GLY A 40 -0.20 -8.88 -29.66
C GLY A 40 -1.17 -9.96 -30.09
N ALA A 41 -0.90 -10.52 -31.26
CA ALA A 41 -1.72 -11.58 -31.84
C ALA A 41 -0.95 -12.89 -31.84
N ASP A 42 -1.61 -13.95 -32.31
CA ASP A 42 -0.98 -15.27 -32.35
C ASP A 42 0.20 -15.28 -33.32
N ASN A 43 0.05 -14.66 -34.48
CA ASN A 43 1.09 -14.64 -35.50
C ASN A 43 2.04 -13.45 -35.35
N SER A 44 1.85 -12.63 -34.32
CA SER A 44 2.70 -11.46 -34.13
C SER A 44 4.15 -11.84 -33.85
N GLY A 45 4.41 -13.05 -33.38
CA GLY A 45 5.76 -13.45 -33.07
C GLY A 45 6.31 -12.89 -31.78
N LYS A 46 5.45 -12.42 -30.88
CA LYS A 46 5.92 -11.89 -29.62
C LYS A 46 6.63 -12.94 -28.78
N SER A 47 6.21 -14.21 -28.90
CA SER A 47 6.84 -15.27 -28.14
C SER A 47 8.29 -15.47 -28.56
N THR A 48 8.62 -15.17 -29.82
CA THR A 48 10.01 -15.30 -30.26
C THR A 48 10.87 -14.18 -29.71
N ILE A 49 10.33 -12.96 -29.65
CA ILE A 49 11.13 -11.81 -29.20
C ILE A 49 11.51 -11.98 -27.73
N VAL A 50 10.56 -12.38 -26.89
CA VAL A 50 10.85 -12.55 -25.47
C VAL A 50 11.83 -13.69 -25.25
N LYS A 51 11.69 -14.78 -26.02
CA LYS A 51 12.62 -15.90 -25.89
C LYS A 51 14.02 -15.51 -26.31
N GLN A 52 14.16 -14.72 -27.37
CA GLN A 52 15.47 -14.29 -27.83
C GLN A 52 16.17 -13.41 -26.80
N MET A 53 15.42 -12.52 -26.15
CA MET A 53 16.00 -11.63 -25.17
C MET A 53 16.42 -12.34 -23.89
N ARG A 54 16.04 -13.60 -23.71
CA ARG A 54 16.44 -14.35 -22.53
C ARG A 54 17.57 -15.33 -22.88
N GLY A 68 -0.84 -19.49 -17.18
CA GLY A 68 -1.46 -18.44 -17.95
C GLY A 68 -0.50 -17.32 -18.31
N ILE A 69 -0.17 -16.49 -17.32
CA ILE A 69 0.73 -15.37 -17.51
C ILE A 69 2.16 -15.92 -17.59
N PHE A 70 2.79 -15.77 -18.75
CA PHE A 70 4.16 -16.22 -18.95
C PHE A 70 5.08 -15.03 -18.66
N GLU A 71 5.62 -14.99 -17.44
CA GLU A 71 6.44 -13.86 -17.00
C GLU A 71 7.90 -14.15 -17.25
N THR A 72 8.60 -13.18 -17.84
CA THR A 72 10.03 -13.27 -18.11
C THR A 72 10.72 -12.07 -17.49
N LYS A 73 11.78 -12.33 -16.74
CA LYS A 73 12.55 -11.28 -16.09
C LYS A 73 13.94 -11.23 -16.70
N PHE A 74 14.33 -10.06 -17.20
CA PHE A 74 15.67 -9.85 -17.73
C PHE A 74 16.17 -8.51 -17.22
N GLN A 75 17.49 -8.39 -17.13
CA GLN A 75 18.14 -7.19 -16.59
C GLN A 75 19.05 -6.59 -17.64
N VAL A 76 18.89 -5.29 -17.90
CA VAL A 76 19.71 -4.56 -18.84
C VAL A 76 20.29 -3.34 -18.13
N ASP A 77 21.62 -3.22 -18.12
CA ASP A 77 22.32 -2.09 -17.52
C ASP A 77 21.90 -1.88 -16.06
N LYS A 78 21.95 -2.96 -15.29
CA LYS A 78 21.62 -2.95 -13.87
C LYS A 78 20.20 -2.47 -13.61
N VAL A 79 19.30 -2.70 -14.57
CA VAL A 79 17.90 -2.38 -14.43
C VAL A 79 17.10 -3.64 -14.69
N ASN A 80 16.20 -3.99 -13.78
CA ASN A 80 15.42 -5.22 -13.88
C ASN A 80 14.13 -4.95 -14.63
N PHE A 81 13.84 -5.79 -15.62
CA PHE A 81 12.62 -5.70 -16.41
C PHE A 81 11.75 -6.92 -16.15
N HIS A 82 10.49 -6.69 -15.81
CA HIS A 82 9.52 -7.74 -15.57
C HIS A 82 8.45 -7.65 -16.65
N MET A 83 8.47 -8.57 -17.60
CA MET A 83 7.58 -8.53 -18.75
C MET A 83 6.59 -9.69 -18.64
N PHE A 84 5.30 -9.37 -18.67
CA PHE A 84 4.24 -10.35 -18.55
C PHE A 84 3.66 -10.61 -19.93
N ASP A 85 3.93 -11.79 -20.47
CA ASP A 85 3.39 -12.18 -21.77
C ASP A 85 2.09 -12.91 -21.55
N VAL A 86 1.01 -12.40 -22.13
CA VAL A 86 -0.32 -12.99 -22.01
C VAL A 86 -0.78 -13.39 -23.40
N GLY A 87 -1.25 -14.63 -23.52
CA GLY A 87 -1.73 -15.14 -24.79
C GLY A 87 -1.50 -16.63 -24.95
N ARG A 93 -10.96 -9.03 -23.09
CA ARG A 93 -9.90 -8.74 -22.12
C ARG A 93 -10.21 -7.45 -21.39
N ARG A 94 -11.47 -7.01 -21.45
CA ARG A 94 -11.86 -5.79 -20.78
C ARG A 94 -11.76 -5.90 -19.27
N LYS A 95 -11.68 -7.11 -18.73
CA LYS A 95 -11.72 -7.32 -17.29
C LYS A 95 -10.34 -7.53 -16.68
N TRP A 96 -9.51 -8.40 -17.26
CA TRP A 96 -8.20 -8.67 -16.68
C TRP A 96 -7.15 -7.66 -17.10
N ILE A 97 -7.51 -6.67 -17.93
CA ILE A 97 -6.55 -5.63 -18.29
C ILE A 97 -6.44 -4.57 -17.21
N GLN A 98 -7.39 -4.53 -16.26
CA GLN A 98 -7.30 -3.60 -15.15
C GLN A 98 -6.15 -3.91 -14.22
N CYS A 99 -5.68 -5.16 -14.21
CA CYS A 99 -4.55 -5.53 -13.36
C CYS A 99 -3.29 -4.78 -13.77
N PHE A 100 -3.09 -4.62 -15.07
CA PHE A 100 -1.90 -3.92 -15.60
C PHE A 100 -2.14 -2.44 -15.75
N ASN A 101 -2.58 -1.79 -14.68
CA ASN A 101 -2.87 -0.36 -14.72
C ASN A 101 -1.65 0.51 -14.41
N ASP A 102 -0.66 -0.04 -13.69
CA ASP A 102 0.50 0.73 -13.29
C ASP A 102 1.79 0.24 -13.95
N VAL A 103 1.69 -0.49 -15.05
CA VAL A 103 2.89 -0.93 -15.74
C VAL A 103 3.56 0.27 -16.39
N THR A 104 4.88 0.22 -16.49
CA THR A 104 5.62 1.33 -17.08
C THR A 104 5.27 1.51 -18.56
N ALA A 105 5.18 0.42 -19.30
CA ALA A 105 4.89 0.49 -20.73
C ALA A 105 4.19 -0.79 -21.17
N ILE A 106 3.49 -0.67 -22.29
CA ILE A 106 2.81 -1.81 -22.92
C ILE A 106 3.51 -2.07 -24.24
N ILE A 107 4.08 -3.27 -24.39
CA ILE A 107 4.78 -3.65 -25.60
C ILE A 107 3.77 -4.33 -26.51
N PHE A 108 3.29 -3.60 -27.51
CA PHE A 108 2.33 -4.10 -28.48
C PHE A 108 3.09 -4.51 -29.73
N VAL A 109 2.91 -5.77 -30.13
CA VAL A 109 3.66 -6.35 -31.25
C VAL A 109 2.67 -6.77 -32.33
N VAL A 110 2.96 -6.37 -33.58
CA VAL A 110 2.17 -6.79 -34.72
C VAL A 110 3.12 -7.33 -35.78
N ASP A 111 2.55 -8.06 -36.73
CA ASP A 111 3.29 -8.60 -37.87
C ASP A 111 2.90 -7.81 -39.10
N SER A 112 3.81 -6.98 -39.60
CA SER A 112 3.52 -6.12 -40.74
C SER A 112 3.47 -6.88 -42.06
N SER A 113 4.00 -8.11 -42.09
CA SER A 113 3.97 -8.88 -43.33
C SER A 113 2.54 -9.22 -43.75
N ASP A 114 1.72 -9.62 -42.78
CA ASP A 114 0.35 -10.05 -43.07
C ASP A 114 -0.52 -8.81 -43.25
N TYR A 115 -0.80 -8.45 -44.51
CA TYR A 115 -1.62 -7.28 -44.79
C TYR A 115 -3.08 -7.52 -44.46
N ASN A 116 -3.53 -8.78 -44.53
CA ASN A 116 -4.94 -9.07 -44.30
C ASN A 116 -5.35 -8.74 -42.86
N ARG A 117 -4.50 -9.07 -41.90
CA ARG A 117 -4.81 -8.89 -40.49
C ARG A 117 -4.32 -7.57 -39.92
N LEU A 118 -3.74 -6.68 -40.74
CA LEU A 118 -3.30 -5.39 -40.23
C LEU A 118 -4.47 -4.57 -39.72
N GLN A 119 -5.59 -4.59 -40.44
CA GLN A 119 -6.77 -3.86 -39.97
C GLN A 119 -7.27 -4.40 -38.64
N GLU A 120 -7.18 -5.72 -38.46
CA GLU A 120 -7.52 -6.30 -37.16
C GLU A 120 -6.57 -5.81 -36.07
N ALA A 121 -5.28 -5.71 -36.40
CA ALA A 121 -4.31 -5.16 -35.45
C ALA A 121 -4.59 -3.69 -35.17
N LEU A 122 -4.95 -2.92 -36.22
CA LEU A 122 -5.26 -1.51 -36.02
C LEU A 122 -6.47 -1.33 -35.11
N ASN A 123 -7.51 -2.14 -35.30
CA ASN A 123 -8.64 -2.10 -34.38
C ASN A 123 -8.24 -2.57 -32.99
N ASP A 124 -7.38 -3.58 -32.91
CA ASP A 124 -6.89 -4.04 -31.62
C ASP A 124 -6.05 -2.96 -30.95
N PHE A 125 -5.19 -2.27 -31.70
CA PHE A 125 -4.38 -1.21 -31.14
C PHE A 125 -5.23 -0.05 -30.68
N LYS A 126 -6.30 0.25 -31.41
CA LYS A 126 -7.19 1.34 -31.02
C LYS A 126 -7.82 1.07 -29.67
N SER A 127 -8.19 -0.19 -29.41
CA SER A 127 -8.78 -0.55 -28.13
C SER A 127 -7.79 -0.35 -26.99
N ILE A 128 -6.54 -0.75 -27.19
CA ILE A 128 -5.53 -0.58 -26.15
C ILE A 128 -5.26 0.89 -25.89
N TRP A 129 -5.05 1.66 -26.95
CA TRP A 129 -4.70 3.07 -26.79
C TRP A 129 -5.84 3.87 -26.17
N ASN A 130 -7.07 3.60 -26.59
CA ASN A 130 -8.23 4.32 -26.08
C ASN A 130 -8.87 3.64 -24.89
N ASN A 131 -8.20 2.66 -24.29
CA ASN A 131 -8.75 1.98 -23.12
C ASN A 131 -8.85 2.95 -21.95
N ARG A 132 -9.89 2.78 -21.14
CA ARG A 132 -10.11 3.68 -20.01
C ARG A 132 -9.02 3.52 -18.96
N TRP A 133 -8.54 2.31 -18.75
CA TRP A 133 -7.53 2.03 -17.73
C TRP A 133 -6.12 2.10 -18.28
N LEU A 134 -5.95 2.49 -19.54
CA LEU A 134 -4.64 2.59 -20.17
C LEU A 134 -4.42 3.98 -20.74
N ARG A 135 -4.94 4.99 -20.04
CA ARG A 135 -4.83 6.38 -20.50
C ARG A 135 -3.51 7.04 -20.12
N THR A 136 -2.73 6.42 -19.23
CA THR A 136 -1.45 6.98 -18.81
C THR A 136 -0.30 6.03 -19.07
N ILE A 137 -0.50 4.99 -19.86
CA ILE A 137 0.51 3.97 -20.13
C ILE A 137 1.03 4.17 -21.54
N SER A 138 2.32 4.46 -21.66
CA SER A 138 2.93 4.55 -22.98
C SER A 138 3.02 3.18 -23.63
N VAL A 139 2.91 3.15 -24.95
CA VAL A 139 2.91 1.92 -25.72
C VAL A 139 4.19 1.88 -26.54
N ILE A 140 5.03 0.88 -26.29
CA ILE A 140 6.24 0.66 -27.08
C ILE A 140 5.84 -0.27 -28.22
N LEU A 141 5.33 0.32 -29.28
CA LEU A 141 4.83 -0.46 -30.41
C LEU A 141 5.98 -1.10 -31.19
N PHE A 142 5.84 -2.39 -31.46
CA PHE A 142 6.81 -3.13 -32.28
C PHE A 142 6.13 -3.57 -33.57
N LEU A 143 6.75 -3.25 -34.70
CA LEU A 143 6.31 -3.73 -36.01
C LEU A 143 7.25 -4.87 -36.37
N ASN A 144 6.90 -6.07 -35.91
CA ASN A 144 7.80 -7.21 -35.98
C ASN A 144 7.90 -7.75 -37.41
N LYS A 145 8.97 -8.52 -37.64
CA LYS A 145 9.25 -9.18 -38.91
C LYS A 145 9.36 -8.17 -40.06
N GLN A 146 10.34 -7.27 -39.93
CA GLN A 146 10.65 -6.35 -41.01
C GLN A 146 11.41 -7.02 -42.14
N ASP A 147 12.20 -8.05 -41.84
CA ASP A 147 12.88 -8.78 -42.89
C ASP A 147 11.88 -9.49 -43.79
N LEU A 148 10.83 -10.08 -43.20
CA LEU A 148 9.79 -10.72 -43.98
C LEU A 148 8.97 -9.70 -44.77
N LEU A 149 8.75 -8.51 -44.22
CA LEU A 149 8.00 -7.48 -44.93
C LEU A 149 8.73 -7.03 -46.19
N ALA A 150 10.05 -6.91 -46.13
CA ALA A 150 10.80 -6.46 -47.29
C ALA A 150 10.68 -7.44 -48.46
N GLU A 151 10.74 -8.73 -48.18
CA GLU A 151 10.61 -9.73 -49.23
C GLU A 151 9.24 -9.67 -49.89
N LYS A 152 8.19 -9.49 -49.09
CA LYS A 152 6.83 -9.44 -49.65
C LYS A 152 6.66 -8.24 -50.57
N VAL A 153 7.20 -7.08 -50.18
CA VAL A 153 7.11 -5.91 -51.03
C VAL A 153 8.01 -6.08 -52.26
N LEU A 154 9.20 -6.67 -52.07
CA LEU A 154 10.12 -6.87 -53.19
C LEU A 154 9.52 -7.80 -54.23
N ALA A 155 8.84 -8.87 -53.79
CA ALA A 155 8.23 -9.80 -54.73
C ALA A 155 7.12 -9.12 -55.53
N GLY A 156 6.29 -8.32 -54.85
CA GLY A 156 5.23 -7.60 -55.51
C GLY A 156 3.99 -8.42 -55.81
N LYS A 157 3.92 -9.66 -55.34
CA LYS A 157 2.74 -10.48 -55.60
C LYS A 157 1.51 -9.91 -54.92
N SER A 158 1.65 -9.43 -53.69
CA SER A 158 0.55 -8.86 -52.93
C SER A 158 0.67 -7.35 -52.90
N LYS A 159 -0.45 -6.67 -53.12
CA LYS A 159 -0.49 -5.21 -53.17
C LYS A 159 -1.19 -4.69 -51.92
N ILE A 160 -0.53 -3.72 -51.26
CA ILE A 160 -1.14 -3.09 -50.09
C ILE A 160 -2.35 -2.25 -50.47
N GLU A 161 -2.34 -1.67 -51.67
CA GLU A 161 -3.45 -0.85 -52.12
C GLU A 161 -4.76 -1.63 -52.19
N ASP A 162 -4.69 -2.96 -52.33
CA ASP A 162 -5.90 -3.77 -52.30
C ASP A 162 -6.58 -3.67 -50.96
N TYR A 163 -5.81 -3.68 -49.87
CA TYR A 163 -6.35 -3.58 -48.53
C TYR A 163 -6.49 -2.13 -48.07
N PHE A 164 -5.51 -1.29 -48.38
CA PHE A 164 -5.53 0.12 -48.00
C PHE A 164 -5.54 0.98 -49.26
N PRO A 165 -6.71 1.46 -49.70
CA PRO A 165 -6.75 2.30 -50.91
C PRO A 165 -5.94 3.57 -50.79
N GLU A 166 -5.82 4.14 -49.59
CA GLU A 166 -5.10 5.39 -49.41
C GLU A 166 -3.59 5.24 -49.60
N PHE A 167 -3.08 4.01 -49.70
CA PHE A 167 -1.65 3.81 -49.90
C PHE A 167 -1.21 4.32 -51.27
N ALA A 168 -2.12 4.37 -52.23
CA ALA A 168 -1.77 4.86 -53.56
C ALA A 168 -1.36 6.33 -53.53
N ARG A 169 -2.08 7.13 -52.76
CA ARG A 169 -1.82 8.56 -52.65
C ARG A 169 -0.84 8.89 -51.51
N TYR A 170 -0.02 7.93 -51.10
CA TYR A 170 0.93 8.13 -50.02
C TYR A 170 2.33 8.30 -50.59
N THR A 171 3.04 9.33 -50.13
CA THR A 171 4.40 9.63 -50.57
C THR A 171 5.32 9.60 -49.36
N THR A 172 6.54 9.14 -49.57
CA THR A 172 7.51 9.03 -48.49
C THR A 172 7.95 10.43 -48.05
N PRO A 173 7.82 10.77 -46.77
CA PRO A 173 8.31 12.07 -46.31
C PRO A 173 9.82 12.18 -46.45
N GLU A 174 10.29 13.41 -46.66
CA GLU A 174 11.73 13.65 -46.77
C GLU A 174 12.46 13.36 -45.48
N ASP A 175 11.79 13.42 -44.33
CA ASP A 175 12.42 13.16 -43.06
C ASP A 175 12.74 11.68 -42.84
N ALA A 176 12.25 10.80 -43.72
CA ALA A 176 12.51 9.38 -43.58
C ALA A 176 14.00 9.09 -43.68
N THR A 177 14.46 8.13 -42.89
CA THR A 177 15.87 7.75 -42.83
C THR A 177 15.99 6.25 -43.05
N PRO A 178 15.88 5.79 -44.29
CA PRO A 178 16.04 4.36 -44.58
C PRO A 178 17.47 3.90 -44.36
N GLU A 179 17.60 2.62 -44.02
CA GLU A 179 18.92 2.03 -43.84
C GLU A 179 19.64 1.92 -45.18
N PRO A 180 20.97 1.91 -45.17
CA PRO A 180 21.71 1.72 -46.43
C PRO A 180 21.37 0.39 -47.08
N GLY A 181 21.30 0.39 -48.41
CA GLY A 181 20.94 -0.81 -49.13
C GLY A 181 19.49 -1.18 -49.06
N GLU A 182 18.61 -0.23 -48.79
CA GLU A 182 17.18 -0.48 -48.68
C GLU A 182 16.45 0.05 -49.90
N ASP A 183 15.57 -0.76 -50.46
CA ASP A 183 14.80 -0.34 -51.63
C ASP A 183 13.86 0.80 -51.25
N PRO A 184 13.83 1.89 -52.03
CA PRO A 184 12.89 2.97 -51.70
C PRO A 184 11.44 2.54 -51.70
N ARG A 185 11.08 1.53 -52.51
CA ARG A 185 9.72 1.04 -52.51
C ARG A 185 9.34 0.44 -51.16
N VAL A 186 10.27 -0.30 -50.54
CA VAL A 186 10.02 -0.86 -49.21
C VAL A 186 9.83 0.26 -48.20
N THR A 187 10.65 1.30 -48.28
CA THR A 187 10.55 2.42 -47.34
C THR A 187 9.18 3.09 -47.44
N ARG A 188 8.67 3.26 -48.66
CA ARG A 188 7.35 3.86 -48.83
C ARG A 188 6.27 2.99 -48.19
N ALA A 189 6.37 1.67 -48.36
CA ALA A 189 5.39 0.77 -47.76
C ALA A 189 5.60 0.64 -46.26
N LYS A 190 6.87 0.58 -45.82
CA LYS A 190 7.15 0.39 -44.41
C LYS A 190 6.66 1.57 -43.57
N TYR A 191 6.89 2.79 -44.04
CA TYR A 191 6.47 3.96 -43.27
C TYR A 191 4.96 4.18 -43.34
N PHE A 192 4.28 3.69 -44.38
CA PHE A 192 2.83 3.79 -44.41
C PHE A 192 2.18 2.99 -43.31
N ILE A 193 2.70 1.78 -43.05
CA ILE A 193 2.17 0.96 -41.96
C ILE A 193 2.37 1.65 -40.63
N ARG A 194 3.55 2.23 -40.42
CA ARG A 194 3.82 2.96 -39.19
C ARG A 194 2.89 4.16 -39.04
N LYS A 195 2.65 4.88 -40.15
CA LYS A 195 1.83 6.08 -40.07
C LYS A 195 0.41 5.75 -39.62
N GLU A 196 -0.13 4.62 -40.07
CA GLU A 196 -1.47 4.24 -39.65
C GLU A 196 -1.55 4.02 -38.14
N PHE A 197 -0.52 3.38 -37.57
CA PHE A 197 -0.50 3.21 -36.12
C PHE A 197 -0.27 4.53 -35.40
N VAL A 198 0.67 5.33 -35.91
CA VAL A 198 0.98 6.61 -35.27
C VAL A 198 -0.21 7.55 -35.37
N ASP A 199 -0.93 7.52 -36.49
CA ASP A 199 -2.09 8.38 -36.66
C ASP A 199 -3.16 8.10 -35.61
N ILE A 200 -3.27 6.83 -35.18
CA ILE A 200 -4.18 6.51 -34.08
C ILE A 200 -3.67 7.11 -32.77
N SER A 201 -2.35 7.10 -32.57
CA SER A 201 -1.78 7.63 -31.34
C SER A 201 -2.05 9.12 -31.17
N THR A 202 -1.91 9.88 -32.25
CA THR A 202 -2.09 11.32 -32.18
C THR A 202 -3.56 11.74 -32.21
N ALA A 203 -4.49 10.80 -32.39
CA ALA A 203 -5.91 11.15 -32.41
C ALA A 203 -6.35 11.71 -31.06
N SER A 204 -5.90 11.11 -29.97
CA SER A 204 -6.28 11.55 -28.63
C SER A 204 -5.15 11.22 -27.66
N GLY A 205 -5.34 11.61 -26.41
CA GLY A 205 -4.34 11.39 -25.39
C GLY A 205 -3.83 12.66 -24.75
N ASP A 206 -3.59 13.68 -25.59
CA ASP A 206 -3.15 14.99 -25.13
C ASP A 206 -1.85 14.91 -24.32
N GLY A 207 -0.95 14.03 -24.75
CA GLY A 207 0.35 13.93 -24.12
C GLY A 207 0.43 13.10 -22.86
N ARG A 208 -0.68 12.51 -22.42
CA ARG A 208 -0.63 11.65 -21.24
C ARG A 208 0.23 10.41 -21.49
N HIS A 209 0.09 9.81 -22.67
CA HIS A 209 0.88 8.67 -23.08
C HIS A 209 1.40 8.87 -24.49
N ILE A 210 2.54 8.26 -24.77
CA ILE A 210 3.25 8.43 -26.03
C ILE A 210 3.53 7.05 -26.63
N CYS A 211 3.28 6.91 -27.93
CA CYS A 211 3.61 5.68 -28.64
C CYS A 211 5.03 5.77 -29.17
N TYR A 212 5.74 4.65 -29.11
CA TYR A 212 7.14 4.58 -29.53
C TYR A 212 7.29 3.46 -30.55
N PRO A 213 6.92 3.71 -31.80
CA PRO A 213 7.02 2.68 -32.83
C PRO A 213 8.46 2.30 -33.11
N HIS A 214 8.66 1.05 -33.49
CA HIS A 214 9.97 0.52 -33.84
C HIS A 214 9.82 -0.48 -34.98
N PHE A 215 10.93 -0.70 -35.69
CA PHE A 215 10.99 -1.67 -36.77
C PHE A 215 11.96 -2.77 -36.35
N THR A 216 11.42 -3.82 -35.75
CA THR A 216 12.20 -4.92 -35.23
C THR A 216 11.92 -6.20 -36.01
N CYS A 217 12.82 -7.17 -35.85
CA CYS A 217 12.66 -8.49 -36.43
C CYS A 217 12.89 -9.53 -35.34
N SER A 218 12.52 -10.77 -35.65
CA SER A 218 12.60 -11.84 -34.65
C SER A 218 14.03 -12.10 -34.21
N VAL A 219 14.97 -12.09 -35.16
CA VAL A 219 16.36 -12.48 -34.86
C VAL A 219 17.17 -11.25 -34.49
N ASP A 220 16.49 -10.14 -34.23
CA ASP A 220 17.20 -8.93 -33.85
C ASP A 220 17.69 -9.04 -32.41
N THR A 221 18.98 -8.80 -32.21
CA THR A 221 19.59 -8.86 -30.89
C THR A 221 19.54 -7.53 -30.16
N GLU A 222 19.04 -6.48 -30.79
CA GLU A 222 18.98 -5.15 -30.19
C GLU A 222 17.60 -4.85 -29.62
N ASN A 223 16.70 -5.83 -29.59
CA ASN A 223 15.34 -5.59 -29.10
C ASN A 223 15.33 -5.24 -27.63
N ALA A 224 16.30 -5.76 -26.86
CA ALA A 224 16.35 -5.44 -25.44
C ALA A 224 16.64 -3.97 -25.21
N ARG A 225 17.56 -3.39 -25.98
CA ARG A 225 17.93 -1.99 -25.78
C ARG A 225 16.82 -1.05 -26.25
N ARG A 226 16.08 -1.42 -27.29
CA ARG A 226 14.99 -0.56 -27.75
C ARG A 226 13.94 -0.40 -26.67
N ILE A 227 13.66 -1.46 -25.93
CA ILE A 227 12.78 -1.33 -24.76
C ILE A 227 13.47 -0.51 -23.67
N PHE A 228 14.77 -0.70 -23.51
CA PHE A 228 15.50 0.00 -22.45
C PHE A 228 15.50 1.51 -22.68
N ASN A 229 15.88 1.95 -23.88
CA ASN A 229 15.92 3.38 -24.16
C ASN A 229 14.53 4.01 -24.10
N ASP A 230 13.53 3.32 -24.64
CA ASP A 230 12.17 3.84 -24.59
C ASP A 230 11.67 3.96 -23.15
N CYS A 231 11.96 2.96 -22.32
CA CYS A 231 11.54 3.02 -20.93
C CYS A 231 12.21 4.18 -20.20
N LYS A 232 13.48 4.45 -20.53
CA LYS A 232 14.17 5.59 -19.92
C LYS A 232 13.49 6.90 -20.30
N ASP A 233 13.05 7.02 -21.56
CA ASP A 233 12.29 8.20 -21.96
C ASP A 233 10.93 8.24 -21.29
N ILE A 234 10.29 7.08 -21.11
CA ILE A 234 9.01 7.04 -20.42
C ILE A 234 9.17 7.47 -18.97
N ILE A 235 10.20 6.95 -18.30
CA ILE A 235 10.46 7.34 -16.92
C ILE A 235 10.83 8.83 -16.83
N LEU A 236 11.67 9.29 -17.76
CA LEU A 236 12.07 10.70 -17.76
C LEU A 236 10.87 11.62 -17.95
N GLN A 237 9.96 11.25 -18.85
CA GLN A 237 8.77 12.06 -19.06
C GLN A 237 7.85 12.05 -17.85
N MET A 238 7.93 11.02 -17.01
CA MET A 238 7.18 11.02 -15.77
C MET A 238 7.76 11.99 -14.76
N ASN A 239 9.09 12.04 -14.66
CA ASN A 239 9.73 12.99 -13.75
C ASN A 239 9.46 14.42 -14.19
N LEU A 240 9.58 14.70 -15.49
CA LEU A 240 9.40 16.07 -15.96
C LEU A 240 7.97 16.57 -15.73
N ARG A 241 7.00 15.67 -15.63
CA ARG A 241 5.65 16.12 -15.30
C ARG A 241 5.54 16.47 -13.83
N GLU A 242 6.35 15.83 -12.98
CA GLU A 242 6.34 16.18 -11.56
C GLU A 242 6.99 17.52 -11.32
N TYR A 243 8.13 17.77 -11.96
CA TYR A 243 8.84 19.02 -11.74
C TYR A 243 8.12 20.21 -12.36
N ASN A 244 7.45 19.99 -13.50
CA ASN A 244 6.70 21.05 -14.16
C ASN A 244 5.32 21.25 -13.56
N LEU A 245 4.93 20.43 -12.57
CA LEU A 245 3.62 20.53 -11.93
C LEU A 245 2.49 20.42 -12.95
N VAL A 246 2.65 19.51 -13.90
CA VAL A 246 1.62 19.31 -14.92
C VAL A 246 0.40 18.69 -14.27
N SER B 12 -33.98 -25.49 -40.16
CA SER B 12 -35.36 -25.88 -39.89
C SER B 12 -35.57 -26.17 -38.40
N GLU B 13 -34.95 -27.24 -37.92
CA GLU B 13 -35.07 -27.59 -36.50
C GLU B 13 -34.42 -26.53 -35.62
N LEU B 14 -33.26 -26.02 -36.02
CA LEU B 14 -32.59 -24.99 -35.24
C LEU B 14 -33.41 -23.71 -35.21
N ASP B 15 -33.96 -23.31 -36.36
CA ASP B 15 -34.79 -22.11 -36.41
C ASP B 15 -36.03 -22.26 -35.54
N GLN B 16 -36.66 -23.43 -35.57
CA GLN B 16 -37.85 -23.66 -34.75
C GLN B 16 -37.51 -23.63 -33.27
N LEU B 17 -36.38 -24.22 -32.88
CA LEU B 17 -36.02 -24.25 -31.47
C LEU B 17 -35.73 -22.86 -30.92
N ARG B 18 -35.00 -22.04 -31.68
CA ARG B 18 -34.68 -20.70 -31.20
C ARG B 18 -35.91 -19.81 -31.14
N GLN B 19 -36.96 -20.13 -31.89
CA GLN B 19 -38.22 -19.42 -31.74
C GLN B 19 -38.92 -19.82 -30.44
N GLU B 20 -38.80 -21.09 -30.05
CA GLU B 20 -39.39 -21.55 -28.79
C GLU B 20 -38.71 -20.91 -27.59
N ALA B 21 -37.41 -20.66 -27.68
CA ALA B 21 -36.69 -19.99 -26.59
C ALA B 21 -37.25 -18.59 -26.37
N GLU B 22 -37.52 -17.85 -27.45
CA GLU B 22 -38.11 -16.53 -27.32
C GLU B 22 -39.49 -16.60 -26.68
N GLN B 23 -40.27 -17.61 -27.05
CA GLN B 23 -41.58 -17.80 -26.43
C GLN B 23 -41.44 -18.09 -24.94
N LEU B 24 -40.46 -18.90 -24.57
CA LEU B 24 -40.24 -19.19 -23.15
C LEU B 24 -39.79 -17.95 -22.39
N LYS B 25 -38.93 -17.13 -23.00
CA LYS B 25 -38.50 -15.89 -22.36
C LYS B 25 -39.68 -14.95 -22.13
N ASN B 26 -40.57 -14.84 -23.10
CA ASN B 26 -41.77 -14.04 -22.92
C ASN B 26 -42.67 -14.61 -21.84
N GLN B 27 -42.73 -15.94 -21.74
CA GLN B 27 -43.53 -16.58 -20.70
C GLN B 27 -43.00 -16.22 -19.31
N ILE B 28 -41.68 -16.24 -19.15
CA ILE B 28 -41.10 -15.88 -17.86
C ILE B 28 -41.32 -14.40 -17.57
N ARG B 29 -41.14 -13.55 -18.58
CA ARG B 29 -41.33 -12.11 -18.37
C ARG B 29 -42.77 -11.80 -17.97
N ASP B 30 -43.73 -12.46 -18.61
CA ASP B 30 -45.13 -12.28 -18.22
C ASP B 30 -45.38 -12.78 -16.80
N ALA B 31 -44.74 -13.90 -16.44
CA ALA B 31 -44.92 -14.43 -15.09
C ALA B 31 -44.39 -13.47 -14.04
N ARG B 32 -43.22 -12.87 -14.29
CA ARG B 32 -42.68 -11.89 -13.37
C ARG B 32 -43.56 -10.64 -13.30
N LYS B 33 -44.07 -10.20 -14.44
CA LYS B 33 -44.95 -9.03 -14.45
C LYS B 33 -46.26 -9.31 -13.72
N ALA B 34 -46.73 -10.56 -13.74
CA ALA B 34 -47.97 -10.89 -13.06
C ALA B 34 -47.88 -10.68 -11.56
N CYS B 35 -46.76 -11.04 -10.95
CA CYS B 35 -46.58 -10.90 -9.52
C CYS B 35 -45.99 -9.55 -9.12
N ALA B 36 -45.78 -8.65 -10.07
CA ALA B 36 -45.29 -7.31 -9.77
C ALA B 36 -46.46 -6.36 -9.44
N ASP B 37 -47.23 -6.77 -8.42
CA ASP B 37 -48.41 -5.99 -8.05
C ASP B 37 -48.02 -4.60 -7.54
N ALA B 38 -46.96 -4.52 -6.74
CA ALA B 38 -46.52 -3.26 -6.14
C ALA B 38 -45.02 -3.10 -6.37
N THR B 39 -44.50 -1.96 -5.92
CA THR B 39 -43.08 -1.66 -6.00
C THR B 39 -42.53 -1.54 -4.59
N LEU B 40 -41.27 -1.97 -4.43
CA LEU B 40 -40.60 -1.81 -3.14
C LEU B 40 -40.56 -0.35 -2.70
N SER B 41 -40.43 0.58 -3.66
CA SER B 41 -40.46 1.99 -3.31
C SER B 41 -41.78 2.39 -2.66
N GLN B 42 -42.90 1.91 -3.23
CA GLN B 42 -44.19 2.20 -2.64
C GLN B 42 -44.35 1.54 -1.27
N ILE B 43 -43.82 0.32 -1.12
CA ILE B 43 -43.98 -0.40 0.13
C ILE B 43 -43.22 0.30 1.25
N THR B 44 -42.02 0.80 0.96
CA THR B 44 -41.15 1.39 1.96
C THR B 44 -41.23 2.90 2.00
N ASN B 45 -42.28 3.49 1.43
CA ASN B 45 -42.43 4.93 1.47
C ASN B 45 -42.74 5.42 2.88
N ASN B 46 -43.52 4.65 3.63
CA ASN B 46 -43.98 5.10 4.95
C ASN B 46 -42.85 5.09 5.98
N ILE B 47 -41.91 4.15 5.87
CA ILE B 47 -40.88 4.00 6.90
C ILE B 47 -39.98 5.22 6.95
N ASP B 48 -39.47 5.51 8.14
CA ASP B 48 -38.61 6.68 8.33
C ASP B 48 -37.24 6.42 7.71
N PRO B 49 -36.56 7.47 7.26
CA PRO B 49 -35.22 7.30 6.71
C PRO B 49 -34.21 6.98 7.79
N VAL B 50 -33.07 6.42 7.37
CA VAL B 50 -31.98 6.10 8.29
C VAL B 50 -31.23 7.33 8.75
N GLY B 51 -31.51 8.49 8.16
CA GLY B 51 -30.76 9.68 8.50
C GLY B 51 -29.41 9.71 7.81
N ARG B 52 -28.50 10.51 8.36
CA ARG B 52 -27.14 10.61 7.85
C ARG B 52 -26.25 9.61 8.56
N ILE B 53 -25.54 8.79 7.79
CA ILE B 53 -24.63 7.79 8.32
C ILE B 53 -23.23 8.37 8.27
N GLN B 54 -22.64 8.61 9.43
CA GLN B 54 -21.29 9.15 9.56
C GLN B 54 -20.39 8.06 10.12
N MET B 55 -19.37 7.69 9.35
CA MET B 55 -18.38 6.70 9.79
C MET B 55 -16.99 7.31 9.71
N ARG B 56 -16.17 7.03 10.72
CA ARG B 56 -14.80 7.51 10.77
C ARG B 56 -13.84 6.36 10.54
N THR B 57 -12.66 6.67 10.02
CA THR B 57 -11.61 5.68 9.82
C THR B 57 -10.97 5.40 11.17
N ARG B 58 -11.31 4.26 11.77
CA ARG B 58 -10.69 3.89 13.04
C ARG B 58 -9.28 3.37 12.85
N ARG B 59 -9.04 2.59 11.81
CA ARG B 59 -7.73 2.00 11.57
C ARG B 59 -7.36 2.18 10.11
N THR B 60 -6.07 2.33 9.85
CA THR B 60 -5.53 2.27 8.50
C THR B 60 -4.45 1.20 8.49
N LEU B 61 -4.64 0.18 7.66
CA LEU B 61 -3.71 -0.92 7.56
C LEU B 61 -2.76 -0.65 6.40
N ARG B 62 -1.50 -0.40 6.73
CA ARG B 62 -0.47 -0.06 5.76
C ARG B 62 0.56 -1.18 5.68
N GLY B 63 1.13 -1.36 4.49
CA GLY B 63 2.11 -2.41 4.29
C GLY B 63 2.02 -3.07 2.93
N HIS B 64 0.85 -3.09 2.33
CA HIS B 64 0.73 -3.48 0.94
C HIS B 64 1.43 -2.46 0.03
N LEU B 65 2.16 -2.96 -0.96
CA LEU B 65 2.94 -2.10 -1.86
C LEU B 65 2.34 -2.05 -3.25
N ALA B 66 1.09 -2.48 -3.41
CA ALA B 66 0.43 -2.44 -4.70
C ALA B 66 -1.06 -2.30 -4.48
N LYS B 67 -1.81 -2.34 -5.58
CA LYS B 67 -3.26 -2.27 -5.54
C LYS B 67 -3.83 -3.40 -4.70
N ILE B 68 -4.69 -3.06 -3.75
CA ILE B 68 -5.46 -4.08 -3.04
C ILE B 68 -6.66 -4.46 -3.90
N TYR B 69 -6.82 -5.77 -4.13
CA TYR B 69 -7.90 -6.25 -4.98
C TYR B 69 -9.00 -6.97 -4.24
N ALA B 70 -8.73 -7.52 -3.06
CA ALA B 70 -9.74 -8.27 -2.34
C ALA B 70 -9.37 -8.30 -0.87
N MET B 71 -10.40 -8.41 -0.04
CA MET B 71 -10.23 -8.62 1.39
C MET B 71 -11.39 -9.49 1.86
N HIS B 72 -11.16 -10.21 2.96
CA HIS B 72 -12.23 -11.00 3.54
C HIS B 72 -12.03 -11.11 5.04
N TRP B 73 -13.07 -10.79 5.79
CA TRP B 73 -13.03 -10.93 7.23
C TRP B 73 -13.08 -12.41 7.62
N GLY B 74 -12.39 -12.74 8.70
CA GLY B 74 -12.64 -14.00 9.35
C GLY B 74 -13.91 -13.94 10.18
N THR B 75 -14.39 -15.12 10.57
CA THR B 75 -15.68 -15.18 11.25
C THR B 75 -15.61 -14.66 12.69
N ASP B 76 -14.42 -14.49 13.23
CA ASP B 76 -14.26 -13.92 14.57
C ASP B 76 -14.38 -12.41 14.58
N SER B 77 -14.59 -11.78 13.42
CA SER B 77 -14.78 -10.34 13.28
C SER B 77 -13.56 -9.54 13.71
N ARG B 78 -12.41 -10.17 13.85
CA ARG B 78 -11.20 -9.46 14.24
C ARG B 78 -10.07 -9.60 13.25
N LEU B 79 -9.87 -10.79 12.70
CA LEU B 79 -8.82 -11.01 11.72
C LEU B 79 -9.40 -10.87 10.33
N LEU B 80 -8.60 -10.30 9.42
CA LEU B 80 -9.00 -10.20 8.04
C LEU B 80 -7.77 -10.46 7.17
N VAL B 81 -8.02 -10.96 5.97
CA VAL B 81 -6.97 -11.24 5.00
C VAL B 81 -7.21 -10.36 3.80
N SER B 82 -6.15 -9.73 3.30
CA SER B 82 -6.24 -8.90 2.11
C SER B 82 -5.21 -9.38 1.11
N ALA B 83 -5.55 -9.24 -0.16
CA ALA B 83 -4.68 -9.63 -1.25
C ALA B 83 -4.32 -8.41 -2.08
N SER B 84 -3.05 -8.30 -2.44
CA SER B 84 -2.57 -7.24 -3.30
C SER B 84 -1.71 -7.85 -4.39
N GLN B 85 -1.55 -7.10 -5.48
CA GLN B 85 -0.76 -7.56 -6.60
C GLN B 85 0.71 -7.23 -6.46
N ASP B 86 1.18 -6.99 -5.24
CA ASP B 86 2.60 -7.10 -4.92
C ASP B 86 2.99 -8.54 -4.57
N GLY B 87 2.09 -9.49 -4.81
CA GLY B 87 2.35 -10.88 -4.49
C GLY B 87 2.34 -11.23 -3.02
N LYS B 88 1.58 -10.50 -2.21
CA LYS B 88 1.56 -10.72 -0.77
C LYS B 88 0.13 -10.87 -0.28
N LEU B 89 -0.14 -11.96 0.41
CA LEU B 89 -1.34 -12.13 1.21
C LEU B 89 -0.98 -11.78 2.65
N ILE B 90 -1.70 -10.81 3.23
CA ILE B 90 -1.45 -10.38 4.60
C ILE B 90 -2.71 -10.58 5.43
N ILE B 91 -2.55 -11.15 6.62
CA ILE B 91 -3.63 -11.30 7.59
C ILE B 91 -3.39 -10.27 8.70
N TRP B 92 -4.40 -9.44 8.96
CA TRP B 92 -4.28 -8.32 9.88
C TRP B 92 -5.07 -8.61 11.14
N ASP B 93 -4.52 -8.18 12.27
CA ASP B 93 -5.29 -8.08 13.51
C ASP B 93 -5.90 -6.68 13.50
N SER B 94 -7.20 -6.60 13.20
CA SER B 94 -7.81 -5.30 12.96
C SER B 94 -7.89 -4.46 14.21
N TYR B 95 -7.95 -5.09 15.39
CA TYR B 95 -8.02 -4.30 16.62
C TYR B 95 -6.72 -3.54 16.87
N THR B 96 -5.58 -4.18 16.59
CA THR B 96 -4.28 -3.59 16.87
C THR B 96 -3.51 -3.16 15.64
N THR B 97 -4.02 -3.44 14.44
CA THR B 97 -3.34 -3.26 13.16
C THR B 97 -2.08 -4.11 13.05
N ASN B 98 -1.89 -5.07 13.95
CA ASN B 98 -0.76 -5.97 13.84
C ASN B 98 -0.93 -6.89 12.64
N LYS B 99 0.20 -7.17 11.98
CA LYS B 99 0.22 -8.17 10.92
C LYS B 99 0.44 -9.53 11.55
N VAL B 100 -0.54 -10.43 11.40
CA VAL B 100 -0.41 -11.76 11.99
C VAL B 100 0.41 -12.65 11.07
N HIS B 101 0.19 -12.57 9.77
CA HIS B 101 0.91 -13.37 8.80
C HIS B 101 1.20 -12.52 7.57
N ALA B 102 2.23 -12.94 6.83
CA ALA B 102 2.50 -12.38 5.50
C ALA B 102 2.79 -13.55 4.59
N ILE B 103 1.86 -13.86 3.70
CA ILE B 103 1.94 -15.05 2.86
C ILE B 103 2.44 -14.62 1.48
N PRO B 104 3.64 -15.03 1.07
CA PRO B 104 4.10 -14.72 -0.29
C PRO B 104 3.42 -15.63 -1.31
N LEU B 105 2.83 -15.01 -2.33
CA LEU B 105 2.12 -15.73 -3.37
C LEU B 105 3.05 -16.13 -4.50
N ARG B 106 2.87 -17.34 -5.03
CA ARG B 106 3.65 -17.78 -6.18
C ARG B 106 3.35 -16.93 -7.41
N SER B 107 2.08 -16.58 -7.61
CA SER B 107 1.67 -15.68 -8.67
C SER B 107 1.16 -14.39 -8.07
N SER B 108 1.74 -13.27 -8.51
CA SER B 108 1.41 -11.98 -7.92
C SER B 108 0.11 -11.38 -8.44
N TRP B 109 -0.49 -11.95 -9.47
CA TRP B 109 -1.67 -11.37 -10.10
C TRP B 109 -2.95 -11.86 -9.45
N VAL B 110 -3.02 -11.74 -8.12
CA VAL B 110 -4.15 -12.26 -7.36
C VAL B 110 -5.33 -11.32 -7.52
N MET B 111 -6.53 -11.90 -7.63
CA MET B 111 -7.75 -11.12 -7.79
C MET B 111 -8.77 -11.35 -6.69
N THR B 112 -8.65 -12.44 -5.93
CA THR B 112 -9.61 -12.76 -4.89
C THR B 112 -8.89 -13.40 -3.72
N CYS B 113 -9.51 -13.31 -2.55
CA CYS B 113 -9.03 -14.00 -1.36
C CYS B 113 -10.24 -14.32 -0.49
N ALA B 114 -10.13 -15.43 0.24
CA ALA B 114 -11.21 -15.87 1.11
C ALA B 114 -10.63 -16.39 2.42
N TYR B 115 -11.34 -16.10 3.52
CA TYR B 115 -11.01 -16.62 4.83
C TYR B 115 -11.97 -17.75 5.17
N ALA B 116 -11.44 -18.91 5.52
CA ALA B 116 -12.29 -20.04 5.87
C ALA B 116 -13.09 -19.73 7.13
N PRO B 117 -14.33 -20.19 7.22
CA PRO B 117 -15.12 -19.94 8.43
C PRO B 117 -14.50 -20.55 9.67
N SER B 118 -13.76 -21.65 9.54
CA SER B 118 -13.07 -22.23 10.68
C SER B 118 -11.85 -21.41 11.09
N GLY B 119 -11.30 -20.61 10.18
CA GLY B 119 -10.13 -19.83 10.46
C GLY B 119 -8.81 -20.55 10.26
N ASN B 120 -8.83 -21.80 9.83
CA ASN B 120 -7.60 -22.56 9.66
C ASN B 120 -6.98 -22.42 8.29
N TYR B 121 -7.73 -21.87 7.32
CA TYR B 121 -7.27 -21.81 5.94
C TYR B 121 -7.62 -20.46 5.34
N VAL B 122 -6.81 -20.05 4.37
CA VAL B 122 -7.12 -18.93 3.49
C VAL B 122 -6.89 -19.39 2.06
N ALA B 123 -7.59 -18.75 1.14
CA ALA B 123 -7.53 -19.09 -0.28
C ALA B 123 -7.36 -17.83 -1.10
N CYS B 124 -6.73 -17.98 -2.25
CA CYS B 124 -6.54 -16.87 -3.17
C CYS B 124 -6.27 -17.43 -4.56
N GLY B 125 -6.37 -16.56 -5.55
CA GLY B 125 -6.07 -16.91 -6.92
C GLY B 125 -6.41 -15.79 -7.89
N GLY B 126 -5.73 -15.76 -9.02
CA GLY B 126 -5.96 -14.72 -9.99
C GLY B 126 -5.77 -15.14 -11.44
N LEU B 127 -4.96 -14.36 -12.17
CA LEU B 127 -4.67 -14.63 -13.56
C LEU B 127 -3.91 -15.94 -13.79
N ASP B 128 -3.42 -16.58 -12.74
CA ASP B 128 -2.75 -17.86 -12.89
C ASP B 128 -3.73 -19.03 -13.00
N ASN B 129 -5.04 -18.77 -12.91
CA ASN B 129 -6.08 -19.77 -13.08
C ASN B 129 -6.07 -20.85 -12.00
N ILE B 130 -5.47 -20.56 -10.84
CA ILE B 130 -5.31 -21.53 -9.77
C ILE B 130 -5.89 -20.93 -8.50
N CYS B 131 -6.61 -21.75 -7.74
CA CYS B 131 -7.05 -21.39 -6.39
C CYS B 131 -6.16 -22.13 -5.40
N SER B 132 -5.33 -21.38 -4.69
CA SER B 132 -4.37 -21.95 -3.75
C SER B 132 -4.93 -21.89 -2.34
N ILE B 133 -4.88 -23.01 -1.63
CA ILE B 133 -5.33 -23.10 -0.26
C ILE B 133 -4.12 -23.08 0.65
N TYR B 134 -4.13 -22.21 1.65
CA TYR B 134 -3.01 -22.06 2.58
C TYR B 134 -3.45 -22.49 3.96
N ASN B 135 -2.63 -23.32 4.59
CA ASN B 135 -2.89 -23.80 5.94
C ASN B 135 -2.26 -22.84 6.94
N LEU B 136 -3.09 -22.25 7.81
CA LEU B 136 -2.62 -21.30 8.79
C LEU B 136 -2.19 -21.93 10.11
N LYS B 137 -2.62 -23.15 10.40
CA LYS B 137 -2.35 -23.81 11.67
C LYS B 137 -1.51 -25.05 11.39
N THR B 138 -0.20 -24.86 11.35
CA THR B 138 0.73 -25.97 11.15
C THR B 138 1.66 -26.07 12.36
N ARG B 139 2.12 -27.29 12.64
CA ARG B 139 3.09 -27.49 13.71
C ARG B 139 4.42 -26.83 13.41
N GLU B 140 4.70 -26.52 12.14
CA GLU B 140 5.95 -25.89 11.76
C GLU B 140 5.96 -24.38 12.01
N GLY B 141 4.81 -23.79 12.28
CA GLY B 141 4.75 -22.38 12.61
C GLY B 141 4.71 -21.43 11.43
N ASN B 142 4.61 -21.93 10.21
CA ASN B 142 4.54 -21.10 9.02
C ASN B 142 3.33 -21.46 8.19
N VAL B 143 2.90 -20.52 7.36
CA VAL B 143 1.81 -20.77 6.42
C VAL B 143 2.38 -21.48 5.20
N ARG B 144 1.76 -22.60 4.83
CA ARG B 144 2.18 -23.37 3.66
C ARG B 144 0.99 -23.62 2.75
N VAL B 145 1.27 -23.79 1.46
CA VAL B 145 0.25 -24.21 0.51
C VAL B 145 -0.18 -25.64 0.82
N SER B 146 -1.47 -25.84 1.01
CA SER B 146 -2.00 -27.18 1.21
C SER B 146 -2.60 -27.79 -0.05
N ARG B 147 -3.14 -26.97 -0.94
CA ARG B 147 -3.75 -27.42 -2.18
C ARG B 147 -3.65 -26.33 -3.22
N GLU B 148 -3.46 -26.74 -4.48
CA GLU B 148 -3.59 -25.86 -5.63
C GLU B 148 -4.67 -26.45 -6.52
N LEU B 149 -5.80 -25.76 -6.62
CA LEU B 149 -6.96 -26.27 -7.34
C LEU B 149 -6.86 -25.82 -8.80
N ALA B 150 -6.47 -26.75 -9.66
CA ALA B 150 -6.35 -26.50 -11.09
C ALA B 150 -7.54 -27.09 -11.83
N GLY B 151 -7.86 -26.50 -12.98
CA GLY B 151 -9.01 -26.94 -13.74
C GLY B 151 -9.77 -25.85 -14.46
N HIS B 152 -9.74 -24.63 -13.94
CA HIS B 152 -10.33 -23.51 -14.66
C HIS B 152 -9.45 -23.12 -15.84
N THR B 153 -10.11 -22.76 -16.95
CA THR B 153 -9.42 -22.33 -18.15
C THR B 153 -9.41 -20.81 -18.31
N GLY B 154 -9.83 -20.08 -17.28
CA GLY B 154 -9.75 -18.64 -17.28
C GLY B 154 -9.27 -18.15 -15.93
N TYR B 155 -9.13 -16.84 -15.81
CA TYR B 155 -8.64 -16.28 -14.56
C TYR B 155 -9.64 -16.53 -13.45
N LEU B 156 -9.12 -16.66 -12.23
CA LEU B 156 -9.97 -16.86 -11.06
C LEU B 156 -10.45 -15.51 -10.55
N SER B 157 -11.77 -15.32 -10.52
CA SER B 157 -12.33 -14.03 -10.13
C SER B 157 -12.83 -13.99 -8.69
N CYS B 158 -13.32 -15.09 -8.16
CA CYS B 158 -13.81 -15.10 -6.78
C CYS B 158 -13.76 -16.52 -6.23
N CYS B 159 -13.66 -16.62 -4.91
CA CYS B 159 -13.64 -17.91 -4.23
C CYS B 159 -14.23 -17.73 -2.84
N ARG B 160 -14.96 -18.73 -2.37
CA ARG B 160 -15.58 -18.69 -1.05
C ARG B 160 -15.60 -20.09 -0.45
N PHE B 161 -15.14 -20.21 0.80
CA PHE B 161 -15.20 -21.47 1.52
C PHE B 161 -16.62 -21.77 1.98
N LEU B 162 -17.04 -23.03 1.83
CA LEU B 162 -18.21 -23.53 2.54
C LEU B 162 -17.82 -24.14 3.89
N ASP B 163 -16.72 -24.87 3.91
CA ASP B 163 -16.13 -25.42 5.13
C ASP B 163 -14.66 -25.67 4.85
N ASP B 164 -14.01 -26.43 5.72
CA ASP B 164 -12.58 -26.70 5.54
C ASP B 164 -12.30 -27.61 4.35
N ASN B 165 -13.31 -28.30 3.83
CA ASN B 165 -13.10 -29.25 2.74
C ASN B 165 -13.74 -28.84 1.43
N GLN B 166 -14.64 -27.87 1.43
CA GLN B 166 -15.33 -27.45 0.21
C GLN B 166 -15.11 -25.96 -0.02
N ILE B 167 -14.90 -25.59 -1.28
CA ILE B 167 -14.76 -24.20 -1.69
C ILE B 167 -15.40 -24.05 -3.06
N VAL B 168 -16.04 -22.90 -3.29
CA VAL B 168 -16.64 -22.56 -4.57
C VAL B 168 -15.80 -21.48 -5.23
N THR B 169 -15.47 -21.68 -6.50
CA THR B 169 -14.70 -20.70 -7.27
C THR B 169 -15.47 -20.33 -8.51
N SER B 170 -15.44 -19.05 -8.87
CA SER B 170 -15.92 -18.55 -10.14
C SER B 170 -14.74 -18.06 -10.96
N SER B 171 -14.80 -18.29 -12.27
CA SER B 171 -13.68 -18.01 -13.14
C SER B 171 -14.13 -17.16 -14.31
N GLY B 172 -13.16 -16.65 -15.04
CA GLY B 172 -13.40 -15.94 -16.28
C GLY B 172 -13.67 -16.81 -17.47
N ASP B 173 -13.65 -18.13 -17.30
CA ASP B 173 -14.03 -19.06 -18.34
C ASP B 173 -15.53 -19.33 -18.37
N THR B 174 -16.32 -18.45 -17.76
CA THR B 174 -17.79 -18.45 -17.78
C THR B 174 -18.40 -19.52 -16.89
N THR B 175 -17.60 -20.21 -16.07
CA THR B 175 -18.11 -21.30 -15.24
C THR B 175 -17.75 -21.07 -13.78
N CYS B 176 -18.59 -21.60 -12.90
CA CYS B 176 -18.29 -21.73 -11.49
C CYS B 176 -18.07 -23.20 -11.16
N ALA B 177 -17.28 -23.47 -10.14
CA ALA B 177 -16.98 -24.85 -9.75
C ALA B 177 -17.06 -25.01 -8.25
N LEU B 178 -17.52 -26.19 -7.82
CA LEU B 178 -17.45 -26.61 -6.43
C LEU B 178 -16.33 -27.65 -6.31
N TRP B 179 -15.43 -27.44 -5.35
CA TRP B 179 -14.23 -28.25 -5.23
C TRP B 179 -14.24 -29.09 -3.95
N ASP B 180 -13.69 -30.29 -4.06
CA ASP B 180 -13.33 -31.11 -2.92
C ASP B 180 -11.84 -30.89 -2.63
N ILE B 181 -11.55 -30.20 -1.53
CA ILE B 181 -10.18 -29.79 -1.26
C ILE B 181 -9.28 -30.99 -0.97
N GLU B 182 -9.81 -31.99 -0.27
CA GLU B 182 -8.98 -33.14 0.11
C GLU B 182 -8.50 -33.92 -1.10
N THR B 183 -9.37 -34.16 -2.09
CA THR B 183 -8.99 -34.89 -3.29
C THR B 183 -8.48 -33.97 -4.40
N GLY B 184 -8.67 -32.66 -4.29
CA GLY B 184 -8.20 -31.73 -5.29
C GLY B 184 -8.99 -31.71 -6.57
N GLN B 185 -10.15 -32.34 -6.62
CA GLN B 185 -10.96 -32.42 -7.82
C GLN B 185 -12.25 -31.64 -7.61
N GLN B 186 -12.75 -31.03 -8.70
CA GLN B 186 -14.01 -30.30 -8.65
C GLN B 186 -15.16 -31.27 -8.81
N THR B 187 -15.95 -31.42 -7.74
CA THR B 187 -17.05 -32.37 -7.78
C THR B 187 -18.16 -31.91 -8.70
N THR B 188 -18.47 -30.61 -8.70
CA THR B 188 -19.53 -30.05 -9.51
C THR B 188 -19.02 -28.87 -10.32
N THR B 189 -19.45 -28.76 -11.57
CA THR B 189 -19.14 -27.63 -12.43
C THR B 189 -20.45 -26.93 -12.77
N PHE B 190 -20.48 -25.61 -12.59
CA PHE B 190 -21.68 -24.80 -12.81
C PHE B 190 -21.52 -24.02 -14.11
N THR B 191 -22.25 -24.44 -15.13
CA THR B 191 -22.20 -23.82 -16.45
C THR B 191 -23.54 -23.17 -16.77
N GLY B 192 -23.49 -22.15 -17.62
CA GLY B 192 -24.70 -21.47 -18.05
C GLY B 192 -24.48 -19.99 -18.28
N HIS B 193 -23.43 -19.42 -17.69
CA HIS B 193 -23.07 -18.03 -17.98
C HIS B 193 -22.43 -17.93 -19.35
N THR B 194 -22.81 -16.90 -20.10
CA THR B 194 -22.25 -16.64 -21.42
C THR B 194 -21.12 -15.61 -21.38
N GLY B 195 -20.79 -15.07 -20.20
CA GLY B 195 -19.69 -14.15 -20.06
C GLY B 195 -18.84 -14.52 -18.86
N ASP B 196 -17.79 -13.72 -18.66
CA ASP B 196 -16.88 -13.94 -17.54
C ASP B 196 -17.62 -13.72 -16.23
N VAL B 197 -17.63 -14.73 -15.38
CA VAL B 197 -18.23 -14.61 -14.05
C VAL B 197 -17.28 -13.83 -13.16
N MET B 198 -17.76 -12.70 -12.61
CA MET B 198 -16.89 -11.79 -11.88
C MET B 198 -16.99 -11.92 -10.37
N SER B 199 -18.07 -12.48 -9.84
CA SER B 199 -18.23 -12.55 -8.39
C SER B 199 -19.20 -13.66 -8.05
N LEU B 200 -19.15 -14.08 -6.79
CA LEU B 200 -20.13 -15.00 -6.24
C LEU B 200 -20.32 -14.69 -4.76
N SER B 201 -21.50 -15.02 -4.26
CA SER B 201 -21.80 -14.88 -2.84
C SER B 201 -22.49 -16.14 -2.36
N LEU B 202 -22.10 -16.62 -1.18
CA LEU B 202 -22.70 -17.81 -0.59
C LEU B 202 -23.88 -17.40 0.28
N ALA B 203 -24.93 -18.20 0.22
CA ALA B 203 -26.06 -18.00 1.11
C ALA B 203 -25.65 -18.35 2.55
N PRO B 204 -26.32 -17.73 3.54
CA PRO B 204 -25.92 -17.98 4.93
C PRO B 204 -25.97 -19.45 5.32
N ASP B 205 -26.89 -20.23 4.76
CA ASP B 205 -26.95 -21.65 5.02
C ASP B 205 -26.04 -22.46 4.11
N THR B 206 -25.35 -21.79 3.17
CA THR B 206 -24.40 -22.42 2.26
C THR B 206 -25.03 -23.53 1.42
N ARG B 207 -26.34 -23.43 1.15
CA ARG B 207 -27.00 -24.33 0.23
C ARG B 207 -27.16 -23.74 -1.17
N LEU B 208 -27.08 -22.43 -1.31
CA LEU B 208 -27.20 -21.75 -2.59
C LEU B 208 -26.10 -20.71 -2.72
N PHE B 209 -25.81 -20.33 -3.95
CA PHE B 209 -24.94 -19.18 -4.18
C PHE B 209 -25.33 -18.53 -5.50
N VAL B 210 -25.20 -17.22 -5.55
CA VAL B 210 -25.47 -16.43 -6.74
C VAL B 210 -24.14 -16.00 -7.34
N SER B 211 -24.10 -15.89 -8.66
CA SER B 211 -22.92 -15.42 -9.35
C SER B 211 -23.33 -14.39 -10.39
N GLY B 212 -22.49 -13.35 -10.52
CA GLY B 212 -22.70 -12.32 -11.51
C GLY B 212 -21.59 -12.35 -12.54
N ALA B 213 -21.98 -12.24 -13.81
CA ALA B 213 -21.05 -12.34 -14.93
C ALA B 213 -21.06 -11.05 -15.73
N CYS B 214 -20.29 -11.04 -16.82
CA CYS B 214 -20.22 -9.90 -17.71
C CYS B 214 -21.31 -9.92 -18.77
N ASP B 215 -22.16 -10.94 -18.78
CA ASP B 215 -23.37 -10.92 -19.60
C ASP B 215 -24.50 -10.18 -18.93
N ALA B 216 -24.20 -9.39 -17.89
CA ALA B 216 -25.18 -8.55 -17.21
C ALA B 216 -26.29 -9.38 -16.57
N SER B 217 -25.99 -10.61 -16.18
CA SER B 217 -27.00 -11.49 -15.61
C SER B 217 -26.45 -12.13 -14.33
N ALA B 218 -27.37 -12.40 -13.40
CA ALA B 218 -27.05 -13.07 -12.15
C ALA B 218 -27.83 -14.38 -12.09
N LYS B 219 -27.13 -15.47 -11.84
CA LYS B 219 -27.73 -16.79 -11.79
C LYS B 219 -27.67 -17.35 -10.38
N LEU B 220 -28.75 -17.95 -9.94
CA LEU B 220 -28.83 -18.60 -8.64
C LEU B 220 -28.62 -20.09 -8.83
N TRP B 221 -27.61 -20.65 -8.16
CA TRP B 221 -27.21 -22.03 -8.33
C TRP B 221 -27.49 -22.80 -7.04
N ASP B 222 -27.93 -24.05 -7.18
CA ASP B 222 -28.04 -24.95 -6.05
C ASP B 222 -26.72 -25.71 -5.93
N VAL B 223 -26.10 -25.63 -4.74
CA VAL B 223 -24.79 -26.22 -4.54
C VAL B 223 -24.88 -27.75 -4.64
N ARG B 224 -25.85 -28.33 -3.93
CA ARG B 224 -25.95 -29.79 -3.89
C ARG B 224 -26.43 -30.35 -5.21
N GLU B 225 -27.48 -29.75 -5.79
CA GLU B 225 -28.04 -30.27 -7.02
C GLU B 225 -27.13 -29.99 -8.21
N GLY B 226 -26.52 -28.81 -8.24
CA GLY B 226 -25.54 -28.49 -9.27
C GLY B 226 -26.09 -27.88 -10.53
N MET B 227 -27.31 -27.36 -10.50
CA MET B 227 -27.92 -26.71 -11.64
C MET B 227 -28.31 -25.28 -11.29
N CYS B 228 -28.58 -24.49 -12.33
CA CYS B 228 -29.04 -23.11 -12.15
C CYS B 228 -30.53 -23.10 -11.86
N ARG B 229 -30.91 -22.52 -10.73
CA ARG B 229 -32.32 -22.46 -10.38
C ARG B 229 -33.02 -21.28 -11.06
N GLN B 230 -32.43 -20.09 -10.98
CA GLN B 230 -33.05 -18.89 -11.52
C GLN B 230 -31.99 -18.01 -12.17
N THR B 231 -32.42 -17.23 -13.15
CA THR B 231 -31.55 -16.26 -13.83
C THR B 231 -32.17 -14.88 -13.71
N PHE B 232 -31.36 -13.91 -13.29
CA PHE B 232 -31.81 -12.54 -13.06
C PHE B 232 -31.11 -11.60 -14.03
N THR B 233 -31.89 -10.88 -14.83
CA THR B 233 -31.37 -9.90 -15.77
C THR B 233 -31.92 -8.52 -15.43
N GLY B 234 -31.38 -7.50 -16.09
CA GLY B 234 -31.78 -6.14 -15.82
C GLY B 234 -30.64 -5.15 -15.86
N HIS B 235 -29.41 -5.62 -15.62
CA HIS B 235 -28.25 -4.76 -15.78
C HIS B 235 -27.97 -4.51 -17.26
N GLU B 236 -27.33 -3.39 -17.54
CA GLU B 236 -26.97 -3.01 -18.90
C GLU B 236 -25.50 -3.21 -19.20
N SER B 237 -24.70 -3.54 -18.20
CA SER B 237 -23.26 -3.75 -18.40
C SER B 237 -22.80 -4.87 -17.47
N ASP B 238 -21.50 -5.14 -17.50
CA ASP B 238 -20.93 -6.23 -16.73
C ASP B 238 -21.21 -6.07 -15.24
N ILE B 239 -21.60 -7.17 -14.60
CA ILE B 239 -21.75 -7.19 -13.15
C ILE B 239 -20.39 -7.47 -12.52
N ASN B 240 -19.97 -6.62 -11.59
CA ASN B 240 -18.68 -6.76 -10.94
C ASN B 240 -18.76 -7.25 -9.51
N ALA B 241 -19.91 -7.10 -8.85
CA ALA B 241 -20.01 -7.42 -7.45
C ALA B 241 -21.38 -7.98 -7.16
N ILE B 242 -21.45 -8.80 -6.11
CA ILE B 242 -22.70 -9.45 -5.73
C ILE B 242 -22.58 -9.82 -4.26
N CYS B 243 -23.71 -9.73 -3.56
CA CYS B 243 -23.72 -9.99 -2.12
C CYS B 243 -25.12 -10.42 -1.71
N PHE B 244 -25.20 -11.51 -0.96
CA PHE B 244 -26.49 -12.00 -0.48
C PHE B 244 -27.02 -11.11 0.64
N PHE B 245 -28.35 -10.97 0.66
CA PHE B 245 -29.00 -10.34 1.79
C PHE B 245 -28.84 -11.22 3.03
N PRO B 246 -28.76 -10.63 4.22
CA PRO B 246 -28.44 -11.43 5.42
C PRO B 246 -29.42 -12.56 5.70
N ASN B 247 -30.67 -12.47 5.25
CA ASN B 247 -31.62 -13.56 5.45
C ASN B 247 -31.61 -14.57 4.32
N GLY B 248 -30.86 -14.33 3.25
CA GLY B 248 -30.73 -15.27 2.16
C GLY B 248 -31.82 -15.24 1.12
N ASN B 249 -32.82 -14.36 1.26
CA ASN B 249 -33.93 -14.30 0.32
C ASN B 249 -33.75 -13.23 -0.75
N ALA B 250 -32.63 -12.52 -0.76
CA ALA B 250 -32.39 -11.49 -1.76
C ALA B 250 -30.90 -11.31 -1.91
N PHE B 251 -30.50 -10.62 -2.98
CA PHE B 251 -29.11 -10.24 -3.17
C PHE B 251 -29.06 -8.95 -3.97
N ALA B 252 -27.95 -8.24 -3.83
CA ALA B 252 -27.71 -7.00 -4.56
C ALA B 252 -26.49 -7.17 -5.45
N THR B 253 -26.53 -6.53 -6.61
CA THR B 253 -25.45 -6.58 -7.59
C THR B 253 -24.95 -5.17 -7.89
N GLY B 254 -23.72 -5.10 -8.37
CA GLY B 254 -23.18 -3.84 -8.84
C GLY B 254 -22.54 -3.98 -10.21
N SER B 255 -22.86 -3.06 -11.11
CA SER B 255 -22.41 -3.16 -12.49
C SER B 255 -21.64 -1.91 -12.88
N ASP B 256 -21.13 -1.91 -14.10
CA ASP B 256 -20.44 -0.75 -14.65
C ASP B 256 -21.38 0.36 -15.08
N ASP B 257 -22.69 0.13 -15.06
CA ASP B 257 -23.63 1.17 -15.44
C ASP B 257 -23.97 2.09 -14.27
N ALA B 258 -23.13 2.11 -13.23
CA ALA B 258 -23.29 3.02 -12.09
C ALA B 258 -24.59 2.78 -11.34
N THR B 259 -25.10 1.55 -11.36
CA THR B 259 -26.34 1.21 -10.70
C THR B 259 -26.15 -0.03 -9.85
N CYS B 260 -26.90 -0.09 -8.75
CA CYS B 260 -27.04 -1.29 -7.93
C CYS B 260 -28.49 -1.72 -7.96
N ARG B 261 -28.73 -3.02 -8.09
CA ARG B 261 -30.07 -3.57 -8.18
C ARG B 261 -30.27 -4.59 -7.08
N LEU B 262 -31.46 -4.59 -6.50
CA LEU B 262 -31.85 -5.53 -5.45
C LEU B 262 -32.79 -6.56 -6.08
N PHE B 263 -32.32 -7.80 -6.21
CA PHE B 263 -33.12 -8.87 -6.75
C PHE B 263 -33.67 -9.72 -5.63
N ASP B 264 -34.89 -10.22 -5.82
CA ASP B 264 -35.51 -11.12 -4.86
C ASP B 264 -35.51 -12.52 -5.45
N LEU B 265 -35.13 -13.50 -4.63
CA LEU B 265 -35.09 -14.88 -5.12
C LEU B 265 -36.49 -15.41 -5.37
N ARG B 266 -37.40 -15.21 -4.41
CA ARG B 266 -38.73 -15.80 -4.50
C ARG B 266 -39.60 -15.06 -5.50
N ALA B 267 -39.50 -13.72 -5.55
CA ALA B 267 -40.22 -12.96 -6.56
C ALA B 267 -39.54 -13.04 -7.93
N ASP B 268 -38.29 -13.47 -7.98
CA ASP B 268 -37.59 -13.77 -9.23
C ASP B 268 -37.54 -12.56 -10.16
N GLN B 269 -37.32 -11.38 -9.58
CA GLN B 269 -37.26 -10.16 -10.39
C GLN B 269 -36.60 -9.05 -9.57
N GLU B 270 -36.24 -7.97 -10.25
CA GLU B 270 -35.68 -6.81 -9.60
C GLU B 270 -36.73 -6.07 -8.78
N LEU B 271 -36.33 -5.59 -7.61
CA LEU B 271 -37.23 -4.84 -6.73
C LEU B 271 -36.88 -3.37 -6.62
N MET B 272 -35.62 -3.00 -6.74
CA MET B 272 -35.21 -1.62 -6.50
C MET B 272 -33.86 -1.38 -7.15
N THR B 273 -33.67 -0.16 -7.65
CA THR B 273 -32.43 0.26 -8.27
C THR B 273 -31.80 1.38 -7.45
N TYR B 274 -30.49 1.31 -7.26
CA TYR B 274 -29.74 2.27 -6.45
C TYR B 274 -28.78 3.01 -7.37
N SER B 275 -29.22 4.15 -7.88
CA SER B 275 -28.41 4.96 -8.78
C SER B 275 -28.66 6.43 -8.50
N HIS B 276 -27.67 7.25 -8.87
CA HIS B 276 -27.75 8.69 -8.72
C HIS B 276 -27.27 9.34 -10.02
N ASP B 277 -27.77 10.55 -10.28
CA ASP B 277 -27.41 11.24 -11.51
C ASP B 277 -25.95 11.65 -11.52
N ASN B 278 -25.39 12.02 -10.36
CA ASN B 278 -23.98 12.38 -10.28
C ASN B 278 -23.07 11.19 -10.52
N ILE B 279 -23.52 9.99 -10.18
CA ILE B 279 -22.69 8.79 -10.26
C ILE B 279 -22.68 8.27 -11.69
N ILE B 280 -21.50 8.24 -12.30
CA ILE B 280 -21.38 7.77 -13.68
C ILE B 280 -20.27 6.73 -13.80
N CYS B 281 -19.70 6.33 -12.67
CA CYS B 281 -18.58 5.39 -12.66
C CYS B 281 -19.05 3.99 -12.27
N GLY B 282 -18.22 3.01 -12.61
CA GLY B 282 -18.55 1.63 -12.31
C GLY B 282 -18.43 1.30 -10.84
N ILE B 283 -19.10 0.22 -10.46
CA ILE B 283 -19.11 -0.27 -9.08
C ILE B 283 -18.24 -1.52 -9.01
N THR B 284 -17.41 -1.59 -7.99
CA THR B 284 -16.45 -2.68 -7.82
C THR B 284 -16.82 -3.69 -6.76
N SER B 285 -17.49 -3.28 -5.69
CA SER B 285 -17.77 -4.17 -4.57
C SER B 285 -19.05 -3.70 -3.90
N VAL B 286 -19.79 -4.67 -3.36
CA VAL B 286 -21.03 -4.40 -2.64
C VAL B 286 -21.09 -5.28 -1.41
N SER B 287 -21.73 -4.76 -0.37
CA SER B 287 -21.93 -5.53 0.86
C SER B 287 -23.12 -4.95 1.62
N PHE B 288 -23.66 -5.75 2.53
CA PHE B 288 -24.76 -5.34 3.37
C PHE B 288 -24.31 -5.22 4.82
N SER B 289 -24.98 -4.36 5.57
CA SER B 289 -24.79 -4.35 7.00
C SER B 289 -25.47 -5.58 7.61
N LYS B 290 -25.22 -5.79 8.91
CA LYS B 290 -25.67 -7.01 9.56
C LYS B 290 -27.19 -7.15 9.51
N SER B 291 -27.90 -6.05 9.72
CA SER B 291 -29.36 -6.08 9.62
C SER B 291 -29.85 -5.97 8.19
N GLY B 292 -28.97 -5.68 7.23
CA GLY B 292 -29.37 -5.53 5.85
C GLY B 292 -29.96 -4.18 5.50
N ARG B 293 -30.09 -3.26 6.46
CA ARG B 293 -30.69 -1.98 6.16
C ARG B 293 -29.79 -1.11 5.30
N LEU B 294 -28.47 -1.30 5.39
CA LEU B 294 -27.52 -0.51 4.63
C LEU B 294 -26.89 -1.36 3.53
N LEU B 295 -26.79 -0.80 2.35
CA LEU B 295 -26.10 -1.39 1.22
C LEU B 295 -24.88 -0.53 0.93
N LEU B 296 -23.69 -1.08 1.13
CA LEU B 296 -22.45 -0.36 0.90
C LEU B 296 -21.86 -0.78 -0.43
N ALA B 297 -21.51 0.20 -1.27
CA ALA B 297 -21.00 -0.06 -2.60
C ALA B 297 -19.73 0.74 -2.80
N GLY B 298 -18.70 0.11 -3.35
CA GLY B 298 -17.47 0.79 -3.73
C GLY B 298 -17.51 1.18 -5.20
N TYR B 299 -16.92 2.33 -5.51
CA TYR B 299 -17.07 2.95 -6.81
C TYR B 299 -15.70 3.27 -7.39
N ASP B 300 -15.68 3.50 -8.71
CA ASP B 300 -14.46 3.92 -9.39
C ASP B 300 -14.07 5.36 -9.09
N ASP B 301 -14.99 6.19 -8.62
CA ASP B 301 -14.70 7.60 -8.37
C ASP B 301 -14.05 7.84 -7.02
N PHE B 302 -13.41 6.81 -6.47
CA PHE B 302 -12.60 6.83 -5.25
C PHE B 302 -13.44 6.85 -3.98
N ASN B 303 -14.76 6.70 -4.08
CA ASN B 303 -15.64 6.85 -2.93
C ASN B 303 -16.42 5.57 -2.71
N CYS B 304 -16.94 5.42 -1.49
CA CYS B 304 -17.85 4.36 -1.12
C CYS B 304 -19.13 4.99 -0.63
N ASN B 305 -20.23 4.71 -1.31
CA ASN B 305 -21.53 5.26 -0.96
C ASN B 305 -22.34 4.24 -0.18
N VAL B 306 -22.85 4.64 0.97
CA VAL B 306 -23.71 3.79 1.78
C VAL B 306 -25.15 4.10 1.41
N TRP B 307 -25.88 3.09 0.94
CA TRP B 307 -27.25 3.27 0.50
C TRP B 307 -28.22 2.73 1.54
N ASP B 308 -29.41 3.33 1.59
CA ASP B 308 -30.53 2.76 2.30
C ASP B 308 -31.16 1.70 1.40
N ALA B 309 -31.06 0.44 1.80
CA ALA B 309 -31.52 -0.64 0.95
C ALA B 309 -33.02 -0.55 0.68
N LEU B 310 -33.80 -0.18 1.68
CA LEU B 310 -35.25 -0.17 1.53
C LEU B 310 -35.73 1.03 0.73
N LYS B 311 -35.12 2.21 0.91
CA LYS B 311 -35.62 3.43 0.31
C LYS B 311 -34.77 3.95 -0.84
N ALA B 312 -33.66 3.28 -1.16
CA ALA B 312 -32.79 3.65 -2.28
C ALA B 312 -32.28 5.09 -2.15
N ASP B 313 -31.98 5.50 -0.92
CA ASP B 313 -31.42 6.81 -0.64
C ASP B 313 -29.96 6.68 -0.25
N ARG B 314 -29.13 7.58 -0.75
CA ARG B 314 -27.72 7.58 -0.37
C ARG B 314 -27.59 8.11 1.05
N ALA B 315 -27.34 7.20 1.99
CA ALA B 315 -27.31 7.58 3.40
C ALA B 315 -26.03 8.30 3.78
N GLY B 316 -24.90 7.95 3.17
CA GLY B 316 -23.64 8.58 3.51
C GLY B 316 -22.58 8.22 2.51
N VAL B 317 -21.39 8.78 2.73
CA VAL B 317 -20.24 8.58 1.85
C VAL B 317 -19.03 8.27 2.71
N LEU B 318 -18.27 7.25 2.33
CA LEU B 318 -16.97 6.98 2.93
C LEU B 318 -15.92 7.46 1.93
N ALA B 319 -15.33 8.62 2.20
CA ALA B 319 -14.33 9.21 1.32
C ALA B 319 -13.00 9.23 2.07
N GLY B 320 -12.20 8.19 1.86
CA GLY B 320 -10.91 8.11 2.51
C GLY B 320 -9.83 7.48 1.66
N HIS B 321 -10.04 7.38 0.36
CA HIS B 321 -9.07 6.76 -0.53
C HIS B 321 -8.76 7.67 -1.71
N ASP B 322 -7.53 7.58 -2.19
CA ASP B 322 -7.04 8.39 -3.30
C ASP B 322 -7.01 7.63 -4.62
N ASN B 323 -7.55 6.40 -4.65
CA ASN B 323 -7.65 5.64 -5.88
C ASN B 323 -8.94 4.82 -5.80
N ARG B 324 -9.12 3.91 -6.76
CA ARG B 324 -10.34 3.14 -6.85
C ARG B 324 -10.57 2.35 -5.56
N VAL B 325 -11.80 2.35 -5.07
CA VAL B 325 -12.23 1.40 -4.04
C VAL B 325 -12.47 0.06 -4.70
N SER B 326 -11.55 -0.88 -4.49
CA SER B 326 -11.62 -2.16 -5.18
C SER B 326 -12.41 -3.22 -4.43
N CYS B 327 -12.55 -3.09 -3.11
CA CYS B 327 -13.21 -4.13 -2.33
C CYS B 327 -13.67 -3.55 -1.01
N LEU B 328 -14.69 -4.18 -0.43
CA LEU B 328 -15.12 -3.83 0.91
C LEU B 328 -15.84 -5.02 1.51
N GLY B 329 -15.97 -5.01 2.83
CA GLY B 329 -16.66 -6.08 3.53
C GLY B 329 -17.05 -5.67 4.92
N VAL B 330 -18.16 -6.22 5.41
CA VAL B 330 -18.70 -5.92 6.72
C VAL B 330 -18.52 -7.16 7.59
N THR B 331 -18.13 -6.94 8.85
CA THR B 331 -17.88 -8.04 9.77
C THR B 331 -19.16 -8.83 10.03
N ASP B 332 -18.98 -10.06 10.50
CA ASP B 332 -20.12 -10.91 10.80
C ASP B 332 -20.96 -10.36 11.95
N ASP B 333 -20.31 -9.74 12.93
CA ASP B 333 -21.06 -9.12 14.02
C ASP B 333 -21.58 -7.74 13.65
N GLY B 334 -21.22 -7.23 12.47
CA GLY B 334 -21.70 -5.95 12.01
C GLY B 334 -21.04 -4.74 12.63
N MET B 335 -19.92 -4.93 13.33
CA MET B 335 -19.35 -3.83 14.09
C MET B 335 -18.63 -2.84 13.19
N ALA B 336 -17.98 -3.31 12.14
CA ALA B 336 -17.15 -2.44 11.32
C ALA B 336 -17.18 -2.89 9.87
N VAL B 337 -16.76 -2.01 8.97
CA VAL B 337 -16.61 -2.29 7.56
C VAL B 337 -15.20 -1.91 7.14
N ALA B 338 -14.55 -2.78 6.38
CA ALA B 338 -13.23 -2.50 5.84
C ALA B 338 -13.35 -2.19 4.36
N THR B 339 -12.57 -1.22 3.91
CA THR B 339 -12.52 -0.84 2.50
C THR B 339 -11.08 -0.95 2.03
N GLY B 340 -10.88 -1.66 0.93
CA GLY B 340 -9.59 -1.76 0.28
C GLY B 340 -9.58 -0.93 -0.98
N SER B 341 -8.39 -0.50 -1.40
CA SER B 341 -8.28 0.45 -2.49
C SER B 341 -7.00 0.19 -3.26
N TRP B 342 -6.96 0.70 -4.50
CA TRP B 342 -5.76 0.63 -5.32
C TRP B 342 -4.62 1.49 -4.79
N ASP B 343 -4.86 2.37 -3.82
CA ASP B 343 -3.80 3.16 -3.22
C ASP B 343 -3.00 2.38 -2.18
N SER B 344 -3.28 1.07 -2.04
CA SER B 344 -2.54 0.13 -1.22
C SER B 344 -2.87 0.22 0.27
N PHE B 345 -3.99 0.83 0.65
CA PHE B 345 -4.36 0.95 2.05
C PHE B 345 -5.70 0.28 2.30
N LEU B 346 -5.85 -0.23 3.51
CA LEU B 346 -7.12 -0.73 4.03
C LEU B 346 -7.54 0.16 5.18
N LYS B 347 -8.83 0.44 5.25
CA LYS B 347 -9.35 1.29 6.30
C LYS B 347 -10.54 0.60 6.95
N ILE B 348 -10.66 0.76 8.27
CA ILE B 348 -11.74 0.18 9.05
C ILE B 348 -12.66 1.31 9.45
N TRP B 349 -13.95 1.16 9.21
CA TRP B 349 -14.92 2.22 9.45
C TRP B 349 -16.01 1.74 10.39
N ASN B 350 -16.45 2.63 11.27
CA ASN B 350 -17.71 2.47 11.99
C ASN B 350 -18.13 3.83 12.53
N GLY B 351 -19.38 3.91 12.97
CA GLY B 351 -19.93 5.15 13.47
C GLY B 351 -19.67 5.36 14.95
N SER B 352 -20.15 6.50 15.44
CA SER B 352 -20.05 6.84 16.86
C SER B 352 -21.37 7.41 17.33
N SER B 353 -21.69 7.17 18.60
CA SER B 353 -22.92 7.66 19.19
C SER B 353 -22.90 9.19 19.31
N THR C 6 -23.10 -29.82 -35.78
CA THR C 6 -24.31 -30.00 -34.98
C THR C 6 -24.09 -29.48 -33.56
N ALA C 7 -23.15 -28.56 -33.40
CA ALA C 7 -22.91 -27.96 -32.09
C ALA C 7 -24.01 -26.98 -31.71
N SER C 8 -24.45 -26.15 -32.67
CA SER C 8 -25.47 -25.15 -32.37
C SER C 8 -26.79 -25.81 -32.01
N ILE C 9 -27.19 -26.86 -32.73
CA ILE C 9 -28.47 -27.51 -32.47
C ILE C 9 -28.45 -28.19 -31.10
N ALA C 10 -27.30 -28.75 -30.71
CA ALA C 10 -27.20 -29.36 -29.39
C ALA C 10 -27.28 -28.31 -28.28
N GLN C 11 -26.66 -27.14 -28.48
CA GLN C 11 -26.75 -26.08 -27.49
C GLN C 11 -28.16 -25.51 -27.41
N ALA C 12 -28.86 -25.46 -28.53
CA ALA C 12 -30.22 -24.91 -28.53
C ALA C 12 -31.15 -25.75 -27.67
N ARG C 13 -31.03 -27.08 -27.73
CA ARG C 13 -31.87 -27.94 -26.93
C ARG C 13 -31.62 -27.72 -25.45
N LYS C 14 -30.36 -27.55 -25.05
CA LYS C 14 -30.04 -27.34 -23.64
C LYS C 14 -30.59 -26.01 -23.14
N LEU C 15 -30.46 -24.95 -23.94
CA LEU C 15 -30.97 -23.64 -23.53
C LEU C 15 -32.48 -23.64 -23.38
N VAL C 16 -33.18 -24.30 -24.30
CA VAL C 16 -34.64 -24.40 -24.21
C VAL C 16 -35.04 -25.21 -22.98
N GLU C 17 -34.32 -26.31 -22.73
CA GLU C 17 -34.64 -27.16 -21.58
C GLU C 17 -34.42 -26.42 -20.27
N GLN C 18 -33.39 -25.58 -20.20
CA GLN C 18 -33.14 -24.82 -18.98
C GLN C 18 -34.26 -23.83 -18.70
N LEU C 19 -34.76 -23.14 -19.72
CA LEU C 19 -35.83 -22.17 -19.50
C LEU C 19 -37.10 -22.83 -18.99
N LYS C 20 -37.31 -24.11 -19.31
CA LYS C 20 -38.47 -24.81 -18.79
C LYS C 20 -38.40 -24.95 -17.28
N MET C 21 -37.21 -25.26 -16.75
CA MET C 21 -37.07 -25.40 -15.30
C MET C 21 -37.30 -24.08 -14.57
N GLU C 22 -36.81 -22.97 -15.14
CA GLU C 22 -36.95 -21.68 -14.48
C GLU C 22 -38.39 -21.19 -14.54
N ALA C 23 -39.15 -21.60 -15.56
CA ALA C 23 -40.52 -21.14 -15.72
C ALA C 23 -41.52 -21.89 -14.85
N ASN C 24 -41.10 -22.98 -14.20
CA ASN C 24 -41.99 -23.82 -13.42
C ASN C 24 -41.87 -23.57 -11.92
N ILE C 25 -41.17 -22.50 -11.51
CA ILE C 25 -40.99 -22.21 -10.11
C ILE C 25 -42.20 -21.42 -9.61
N ASP C 26 -42.44 -21.49 -8.31
CA ASP C 26 -43.50 -20.73 -7.68
C ASP C 26 -43.01 -19.34 -7.34
N ARG C 27 -43.75 -18.32 -7.77
CA ARG C 27 -43.39 -16.93 -7.55
C ARG C 27 -44.41 -16.28 -6.62
N ILE C 28 -43.92 -15.63 -5.58
CA ILE C 28 -44.76 -14.87 -4.68
C ILE C 28 -44.88 -13.43 -5.18
N LYS C 29 -45.86 -12.72 -4.65
CA LYS C 29 -46.06 -11.33 -5.04
C LYS C 29 -44.90 -10.46 -4.56
N VAL C 30 -44.65 -9.38 -5.29
CA VAL C 30 -43.58 -8.46 -4.91
C VAL C 30 -43.89 -7.80 -3.59
N SER C 31 -45.17 -7.50 -3.33
CA SER C 31 -45.55 -6.93 -2.05
C SER C 31 -45.24 -7.90 -0.91
N LYS C 32 -45.51 -9.18 -1.12
CA LYS C 32 -45.15 -10.18 -0.10
C LYS C 32 -43.64 -10.25 0.06
N ALA C 33 -42.90 -10.24 -1.04
CA ALA C 33 -41.44 -10.26 -0.96
C ALA C 33 -40.89 -8.99 -0.36
N ALA C 34 -41.50 -7.84 -0.71
CA ALA C 34 -41.05 -6.57 -0.14
C ALA C 34 -41.26 -6.53 1.36
N ALA C 35 -42.38 -7.07 1.83
CA ALA C 35 -42.67 -7.06 3.26
C ALA C 35 -41.63 -7.86 4.05
N ASP C 36 -41.20 -9.00 3.50
CA ASP C 36 -40.20 -9.80 4.20
C ASP C 36 -38.87 -9.06 4.32
N LEU C 37 -38.45 -8.37 3.26
CA LEU C 37 -37.23 -7.57 3.34
C LEU C 37 -37.37 -6.45 4.35
N MET C 38 -38.51 -5.78 4.37
CA MET C 38 -38.73 -4.73 5.34
C MET C 38 -38.80 -5.28 6.75
N ALA C 39 -39.42 -6.46 6.91
CA ALA C 39 -39.53 -7.07 8.24
C ALA C 39 -38.17 -7.46 8.81
N TYR C 40 -37.30 -8.04 7.98
CA TYR C 40 -36.00 -8.48 8.47
C TYR C 40 -35.15 -7.30 8.94
N CYS C 41 -35.17 -6.20 8.19
CA CYS C 41 -34.41 -5.02 8.60
C CYS C 41 -34.95 -4.45 9.91
N GLU C 42 -36.27 -4.42 10.06
CA GLU C 42 -36.86 -3.88 11.29
C GLU C 42 -36.52 -4.74 12.50
N ALA C 43 -36.56 -6.07 12.35
CA ALA C 43 -36.35 -6.95 13.50
C ALA C 43 -34.93 -6.88 14.02
N HIS C 44 -33.95 -6.67 13.14
CA HIS C 44 -32.54 -6.67 13.51
C HIS C 44 -31.95 -5.26 13.56
N ALA C 45 -32.80 -4.23 13.59
CA ALA C 45 -32.30 -2.86 13.56
C ALA C 45 -31.45 -2.54 14.79
N LYS C 46 -31.86 -3.00 15.96
CA LYS C 46 -31.14 -2.64 17.18
C LYS C 46 -29.77 -3.29 17.26
N GLU C 47 -29.60 -4.50 16.71
CA GLU C 47 -28.33 -5.20 16.73
C GLU C 47 -27.47 -4.91 15.49
N ASP C 48 -27.67 -3.76 14.83
CA ASP C 48 -26.83 -3.36 13.71
C ASP C 48 -25.95 -2.19 14.14
N PRO C 49 -24.67 -2.42 14.45
CA PRO C 49 -23.81 -1.32 14.89
C PRO C 49 -23.63 -0.21 13.87
N LEU C 50 -23.59 -0.53 12.57
CA LEU C 50 -23.39 0.51 11.58
C LEU C 50 -24.60 1.41 11.47
N LEU C 51 -25.81 0.84 11.54
CA LEU C 51 -27.02 1.65 11.51
C LEU C 51 -27.19 2.45 12.80
N THR C 52 -27.03 1.80 13.94
CA THR C 52 -27.13 2.45 15.24
C THR C 52 -25.82 2.28 15.98
N PRO C 53 -24.94 3.28 15.94
CA PRO C 53 -23.62 3.14 16.58
C PRO C 53 -23.73 2.84 18.07
N VAL C 54 -22.87 1.93 18.53
CA VAL C 54 -22.86 1.47 19.91
C VAL C 54 -22.12 2.49 20.76
N PRO C 55 -22.30 2.50 22.07
CA PRO C 55 -21.49 3.40 22.92
C PRO C 55 -20.02 3.08 22.82
N ALA C 56 -19.19 4.10 23.01
CA ALA C 56 -17.75 3.96 22.83
C ALA C 56 -17.17 2.87 23.73
N SER C 57 -17.80 2.60 24.87
CA SER C 57 -17.31 1.54 25.74
C SER C 57 -17.46 0.17 25.11
N GLU C 58 -18.46 -0.01 24.26
CA GLU C 58 -18.73 -1.30 23.62
C GLU C 58 -18.18 -1.39 22.21
N ASN C 59 -17.43 -0.38 21.76
CA ASN C 59 -16.91 -0.34 20.41
C ASN C 59 -15.47 -0.84 20.42
N PRO C 60 -15.15 -1.99 19.82
CA PRO C 60 -13.76 -2.46 19.80
C PRO C 60 -12.81 -1.54 19.05
N PHE C 61 -13.31 -0.65 18.20
CA PHE C 61 -12.48 0.20 17.35
C PHE C 61 -12.45 1.65 17.83
N ARG C 62 -12.47 1.86 19.14
CA ARG C 62 -12.38 3.21 19.72
C ARG C 62 -11.26 4.03 19.10
N ASP D 1 9.17 -34.13 11.97
CA ASP D 1 8.36 -33.75 13.11
C ASP D 1 9.10 -32.75 13.97
N VAL D 2 8.37 -32.04 14.83
CA VAL D 2 8.98 -31.02 15.67
C VAL D 2 9.85 -31.68 16.73
N GLN D 3 11.11 -31.26 16.82
CA GLN D 3 12.06 -31.86 17.74
C GLN D 3 12.86 -30.75 18.41
N LEU D 4 13.21 -30.97 19.68
CA LEU D 4 14.07 -30.05 20.43
C LEU D 4 15.01 -30.89 21.29
N VAL D 5 16.28 -30.96 20.91
CA VAL D 5 17.26 -31.80 21.59
C VAL D 5 18.27 -30.89 22.27
N GLU D 6 18.43 -31.07 23.59
CA GLU D 6 19.40 -30.31 24.37
C GLU D 6 20.66 -31.13 24.59
N SER D 7 21.78 -30.42 24.67
CA SER D 7 23.07 -31.06 24.89
C SER D 7 23.99 -30.08 25.60
N GLY D 8 25.10 -30.61 26.13
CA GLY D 8 26.07 -29.81 26.85
C GLY D 8 26.01 -29.93 28.35
N GLY D 9 25.00 -30.60 28.91
CA GLY D 9 24.91 -30.76 30.33
C GLY D 9 25.87 -31.81 30.86
N GLY D 10 26.14 -31.74 32.15
CA GLY D 10 27.04 -32.68 32.78
C GLY D 10 27.56 -32.13 34.10
N LEU D 11 28.38 -32.95 34.75
CA LEU D 11 28.93 -32.59 36.05
C LEU D 11 30.01 -31.52 35.89
N VAL D 12 29.84 -30.42 36.61
CA VAL D 12 30.78 -29.30 36.56
C VAL D 12 31.16 -28.90 37.98
N GLN D 13 32.32 -28.28 38.11
CA GLN D 13 32.80 -27.80 39.40
C GLN D 13 32.08 -26.49 39.75
N PRO D 14 31.88 -26.23 41.05
CA PRO D 14 31.28 -24.95 41.45
C PRO D 14 32.12 -23.78 40.98
N GLY D 15 31.42 -22.73 40.56
CA GLY D 15 32.09 -21.56 40.02
C GLY D 15 32.55 -21.69 38.58
N GLY D 16 32.26 -22.81 37.93
CA GLY D 16 32.69 -23.05 36.57
C GLY D 16 31.73 -22.47 35.54
N SER D 17 31.98 -22.80 34.28
CA SER D 17 31.18 -22.33 33.17
C SER D 17 30.83 -23.50 32.27
N ARG D 18 29.63 -23.45 31.69
CA ARG D 18 29.16 -24.50 30.81
C ARG D 18 28.27 -23.88 29.74
N LYS D 19 28.30 -24.47 28.55
CA LYS D 19 27.57 -23.97 27.39
C LYS D 19 26.53 -25.01 26.98
N LEU D 20 25.25 -24.64 27.07
CA LEU D 20 24.17 -25.53 26.67
C LEU D 20 23.68 -25.17 25.27
N SER D 21 23.41 -26.20 24.48
CA SER D 21 22.93 -26.04 23.11
C SER D 21 21.58 -26.71 22.96
N CYS D 22 20.72 -26.11 22.14
CA CYS D 22 19.40 -26.65 21.83
C CYS D 22 19.24 -26.64 20.31
N SER D 23 19.32 -27.81 19.69
CA SER D 23 19.17 -27.93 18.25
C SER D 23 17.71 -28.18 17.91
N ALA D 24 17.17 -27.39 16.98
CA ALA D 24 15.78 -27.47 16.59
C ALA D 24 15.66 -28.01 15.17
N SER D 25 14.73 -28.94 14.97
CA SER D 25 14.46 -29.48 13.66
C SER D 25 12.96 -29.68 13.48
N GLY D 26 12.51 -29.57 12.23
CA GLY D 26 11.12 -29.82 11.91
C GLY D 26 10.17 -28.64 12.04
N PHE D 27 10.68 -27.44 12.32
CA PHE D 27 9.82 -26.27 12.35
C PHE D 27 10.65 -25.03 12.05
N ALA D 28 9.95 -23.94 11.73
CA ALA D 28 10.60 -22.68 11.40
C ALA D 28 11.19 -22.04 12.66
N PHE D 29 12.46 -22.33 12.95
CA PHE D 29 13.05 -21.90 14.22
C PHE D 29 13.10 -20.39 14.34
N SER D 30 13.43 -19.69 13.27
CA SER D 30 13.58 -18.23 13.34
C SER D 30 12.27 -17.52 13.63
N SER D 31 11.14 -18.17 13.44
CA SER D 31 9.84 -17.55 13.70
C SER D 31 9.39 -17.69 15.15
N PHE D 32 10.05 -18.53 15.93
CA PHE D 32 9.64 -18.83 17.30
C PHE D 32 10.56 -18.17 18.31
N GLY D 33 9.97 -17.56 19.33
CA GLY D 33 10.71 -17.24 20.52
C GLY D 33 11.05 -18.50 21.30
N MET D 34 12.14 -18.43 22.05
CA MET D 34 12.66 -19.60 22.76
C MET D 34 12.84 -19.27 24.24
N HIS D 35 12.49 -20.22 25.09
CA HIS D 35 12.67 -20.12 26.52
C HIS D 35 13.55 -21.26 27.01
N TRP D 36 14.31 -21.00 28.07
CA TRP D 36 14.92 -22.05 28.86
C TRP D 36 14.18 -22.15 30.18
N VAL D 37 13.72 -23.36 30.51
CA VAL D 37 13.06 -23.62 31.78
C VAL D 37 13.80 -24.78 32.44
N ARG D 38 14.15 -24.62 33.70
CA ARG D 38 14.84 -25.67 34.44
C ARG D 38 13.96 -26.19 35.57
N GLN D 39 14.29 -27.40 36.02
CA GLN D 39 13.55 -28.07 37.09
C GLN D 39 14.56 -28.76 38.00
N ALA D 40 14.70 -28.25 39.23
CA ALA D 40 15.59 -28.87 40.19
C ALA D 40 15.06 -30.24 40.58
N PRO D 41 15.95 -31.19 40.91
CA PRO D 41 15.50 -32.53 41.29
C PRO D 41 14.53 -32.49 42.45
N GLU D 42 13.41 -33.21 42.28
CA GLU D 42 12.32 -33.24 43.27
C GLU D 42 11.82 -31.83 43.58
N LYS D 43 11.76 -30.98 42.56
CA LYS D 43 11.27 -29.63 42.70
C LYS D 43 10.43 -29.28 41.48
N GLY D 44 9.87 -28.08 41.47
CA GLY D 44 9.03 -27.61 40.40
C GLY D 44 9.84 -26.93 39.31
N LEU D 45 9.11 -26.38 38.34
CA LEU D 45 9.72 -25.74 37.19
C LEU D 45 10.14 -24.31 37.53
N GLU D 46 11.24 -23.87 36.91
CA GLU D 46 11.76 -22.53 37.13
C GLU D 46 12.21 -21.95 35.80
N TRP D 47 11.63 -20.82 35.42
CA TRP D 47 11.98 -20.17 34.16
C TRP D 47 13.35 -19.50 34.26
N VAL D 48 14.15 -19.65 33.21
CA VAL D 48 15.54 -19.17 33.21
C VAL D 48 15.70 -17.93 32.33
N ALA D 49 15.34 -18.03 31.05
CA ALA D 49 15.63 -16.95 30.11
C ALA D 49 14.64 -17.03 28.95
N TYR D 50 14.60 -15.93 28.18
CA TYR D 50 13.76 -15.85 26.99
C TYR D 50 14.48 -15.01 25.95
N ILE D 51 14.50 -15.47 24.70
CA ILE D 51 14.95 -14.68 23.57
C ILE D 51 13.86 -14.69 22.51
N SER D 52 13.50 -13.53 22.00
CA SER D 52 12.40 -13.43 21.06
C SER D 52 12.86 -13.81 19.66
N SER D 53 11.88 -14.02 18.77
CA SER D 53 12.19 -14.14 17.35
C SER D 53 12.80 -12.85 16.84
N GLY D 54 13.90 -12.96 16.12
CA GLY D 54 14.63 -11.79 15.69
C GLY D 54 15.60 -11.23 16.72
N SER D 55 15.70 -11.85 17.89
CA SER D 55 16.68 -11.52 18.91
C SER D 55 16.52 -10.10 19.46
N GLY D 56 15.37 -9.48 19.25
CA GLY D 56 15.20 -8.10 19.68
C GLY D 56 14.92 -7.94 21.15
N THR D 57 14.28 -8.91 21.77
CA THR D 57 13.90 -8.85 23.17
C THR D 57 14.50 -10.03 23.91
N ILE D 58 15.15 -9.77 25.05
CA ILE D 58 15.76 -10.80 25.87
C ILE D 58 15.39 -10.52 27.32
N TYR D 59 14.92 -11.54 28.01
CA TYR D 59 14.56 -11.42 29.42
C TYR D 59 15.26 -12.52 30.22
N TYR D 60 15.57 -12.20 31.47
CA TYR D 60 16.21 -13.14 32.38
C TYR D 60 15.48 -13.14 33.72
N ALA D 61 15.53 -14.28 34.40
CA ALA D 61 15.10 -14.32 35.79
C ALA D 61 16.14 -13.65 36.68
N ASP D 62 15.68 -13.09 37.80
CA ASP D 62 16.59 -12.36 38.68
C ASP D 62 17.66 -13.28 39.26
N THR D 63 17.31 -14.54 39.53
CA THR D 63 18.28 -15.45 40.12
C THR D 63 19.40 -15.83 39.16
N VAL D 64 19.24 -15.56 37.87
CA VAL D 64 20.26 -15.89 36.89
C VAL D 64 20.74 -14.67 36.11
N LYS D 65 20.13 -13.51 36.31
CA LYS D 65 20.50 -12.33 35.53
C LYS D 65 21.93 -11.90 35.86
N GLY D 66 22.71 -11.62 34.82
CA GLY D 66 24.11 -11.28 34.96
C GLY D 66 25.06 -12.44 34.86
N ARG D 67 24.62 -13.66 35.11
CA ARG D 67 25.46 -14.84 35.02
C ARG D 67 25.17 -15.70 33.80
N PHE D 68 23.93 -15.74 33.35
CA PHE D 68 23.53 -16.54 32.19
C PHE D 68 23.36 -15.64 30.98
N THR D 69 23.75 -16.14 29.82
CA THR D 69 23.54 -15.45 28.55
C THR D 69 22.84 -16.38 27.58
N ILE D 70 21.72 -15.94 27.03
CA ILE D 70 20.92 -16.72 26.09
C ILE D 70 21.09 -16.12 24.71
N SER D 71 21.32 -16.97 23.72
CA SER D 71 21.53 -16.51 22.36
C SER D 71 21.04 -17.59 21.41
N ARG D 72 20.83 -17.21 20.15
CA ARG D 72 20.33 -18.13 19.15
C ARG D 72 21.12 -17.96 17.86
N ASP D 73 21.17 -19.04 17.08
CA ASP D 73 21.80 -19.04 15.76
C ASP D 73 20.72 -19.47 14.77
N ASP D 74 20.03 -18.50 14.18
CA ASP D 74 18.93 -18.81 13.27
C ASP D 74 19.35 -19.63 12.06
N PRO D 75 20.44 -19.33 11.35
CA PRO D 75 20.82 -20.18 10.22
C PRO D 75 21.08 -21.63 10.60
N LYS D 76 21.65 -21.88 11.77
CA LYS D 76 21.91 -23.24 12.23
C LYS D 76 20.77 -23.83 13.04
N ASN D 77 19.74 -23.05 13.35
CA ASN D 77 18.60 -23.51 14.16
C ASN D 77 19.08 -24.05 15.51
N THR D 78 20.00 -23.33 16.15
CA THR D 78 20.56 -23.73 17.42
C THR D 78 20.31 -22.64 18.46
N LEU D 79 19.86 -23.04 19.64
CA LEU D 79 19.69 -22.14 20.77
C LEU D 79 20.79 -22.37 21.79
N PHE D 80 21.36 -21.28 22.31
CA PHE D 80 22.49 -21.36 23.22
C PHE D 80 22.14 -20.76 24.57
N LEU D 81 22.82 -21.25 25.61
CA LEU D 81 22.72 -20.67 26.95
C LEU D 81 24.12 -20.72 27.56
N GLN D 82 24.79 -19.57 27.61
CA GLN D 82 26.11 -19.48 28.22
C GLN D 82 25.94 -19.18 29.70
N MET D 83 26.46 -20.06 30.55
CA MET D 83 26.32 -19.95 32.00
C MET D 83 27.68 -19.69 32.63
N THR D 84 27.67 -18.82 33.65
CA THR D 84 28.89 -18.47 34.38
C THR D 84 28.59 -18.44 35.87
N SER D 85 29.64 -18.63 36.66
CA SER D 85 29.56 -18.60 38.12
C SER D 85 28.54 -19.62 38.63
N LEU D 86 28.61 -20.84 38.10
CA LEU D 86 27.62 -21.86 38.43
C LEU D 86 27.68 -22.22 39.91
N ARG D 87 26.50 -22.27 40.53
CA ARG D 87 26.35 -22.59 41.95
C ARG D 87 25.68 -23.94 42.10
N SER D 88 25.69 -24.46 43.33
CA SER D 88 24.98 -25.70 43.61
C SER D 88 23.48 -25.54 43.44
N GLU D 89 22.98 -24.30 43.47
CA GLU D 89 21.58 -24.02 43.25
C GLU D 89 21.17 -24.18 41.78
N ASP D 90 22.14 -24.29 40.87
CA ASP D 90 21.86 -24.41 39.45
C ASP D 90 21.75 -25.86 38.99
N THR D 91 21.91 -26.82 39.88
CA THR D 91 21.78 -28.23 39.52
C THR D 91 20.33 -28.53 39.19
N ALA D 92 20.04 -28.75 37.91
CA ALA D 92 18.67 -28.99 37.47
C ALA D 92 18.68 -29.57 36.07
N MET D 93 17.50 -30.02 35.64
CA MET D 93 17.25 -30.41 34.26
C MET D 93 16.76 -29.18 33.49
N TYR D 94 17.47 -28.83 32.42
CA TYR D 94 17.18 -27.63 31.65
C TYR D 94 16.39 -27.98 30.39
N TYR D 95 15.21 -27.38 30.24
CA TYR D 95 14.33 -27.66 29.12
C TYR D 95 14.39 -26.52 28.11
N CYS D 96 14.38 -26.89 26.83
CA CYS D 96 14.31 -25.94 25.74
C CYS D 96 12.86 -25.86 25.27
N VAL D 97 12.27 -24.67 25.31
CA VAL D 97 10.85 -24.49 25.04
C VAL D 97 10.66 -23.47 23.93
N ARG D 98 9.89 -23.83 22.91
CA ARG D 98 9.52 -22.91 21.86
C ARG D 98 8.20 -22.22 22.19
N SER D 99 8.06 -20.98 21.75
CA SER D 99 6.83 -20.22 21.98
C SER D 99 6.73 -19.15 20.91
N ILE D 100 5.63 -19.16 20.15
CA ILE D 100 5.38 -18.15 19.13
C ILE D 100 4.22 -17.28 19.61
N TYR D 101 4.30 -15.99 19.30
CA TYR D 101 3.35 -15.02 19.83
C TYR D 101 2.72 -14.25 18.68
N TYR D 102 1.46 -14.54 18.42
CA TYR D 102 0.60 -13.71 17.58
C TYR D 102 -0.82 -13.96 18.06
N TYR D 103 -1.77 -13.22 17.51
CA TYR D 103 -3.15 -13.35 17.94
C TYR D 103 -3.62 -14.79 17.74
N GLY D 104 -4.00 -15.44 18.83
CA GLY D 104 -4.47 -16.81 18.79
C GLY D 104 -3.41 -17.88 18.82
N SER D 105 -2.14 -17.52 18.99
CA SER D 105 -1.10 -18.53 19.07
C SER D 105 -1.16 -19.28 20.40
N SER D 106 -0.42 -20.38 20.46
CA SER D 106 -0.33 -21.21 21.67
C SER D 106 1.13 -21.26 22.09
N PRO D 107 1.57 -20.31 22.91
CA PRO D 107 2.96 -20.34 23.39
C PRO D 107 3.21 -21.53 24.30
N PHE D 108 4.49 -21.92 24.38
CA PHE D 108 4.93 -23.02 25.23
C PHE D 108 4.33 -24.34 24.80
N ASP D 109 4.04 -24.49 23.51
CA ASP D 109 3.35 -25.69 23.05
C ASP D 109 4.26 -26.91 22.99
N PHE D 110 5.54 -26.73 22.69
CA PHE D 110 6.46 -27.86 22.58
C PHE D 110 7.66 -27.64 23.49
N TRP D 111 8.01 -28.68 24.24
CA TRP D 111 9.16 -28.66 25.12
C TRP D 111 10.18 -29.69 24.65
N GLY D 112 11.45 -29.42 24.93
CA GLY D 112 12.47 -30.39 24.63
C GLY D 112 12.59 -31.47 25.70
N GLN D 113 13.41 -32.47 25.40
CA GLN D 113 13.61 -33.58 26.33
C GLN D 113 14.42 -33.17 27.54
N GLY D 114 15.25 -32.15 27.41
CA GLY D 114 15.98 -31.62 28.54
C GLY D 114 17.38 -32.20 28.65
N THR D 115 18.27 -31.43 29.29
CA THR D 115 19.62 -31.87 29.59
C THR D 115 19.90 -31.66 31.07
N THR D 116 20.63 -32.59 31.66
CA THR D 116 20.85 -32.60 33.10
C THR D 116 22.18 -31.93 33.41
N LEU D 117 22.15 -30.96 34.32
CA LEU D 117 23.33 -30.27 34.79
C LEU D 117 23.50 -30.55 36.28
N THR D 118 24.67 -31.02 36.68
CA THR D 118 24.98 -31.29 38.07
C THR D 118 26.20 -30.49 38.49
N VAL D 119 26.07 -29.77 39.61
CA VAL D 119 27.14 -28.94 40.15
C VAL D 119 27.63 -29.58 41.44
N SER D 120 28.94 -29.76 41.55
CA SER D 120 29.53 -30.41 42.72
C SER D 120 29.41 -29.55 43.97
N ASP D 137 7.20 -10.01 41.29
CA ASP D 137 7.00 -11.40 40.89
C ASP D 137 5.65 -11.92 41.34
N ILE D 138 4.82 -12.34 40.40
CA ILE D 138 3.53 -12.93 40.75
C ILE D 138 3.77 -14.31 41.35
N VAL D 139 3.13 -14.57 42.48
CA VAL D 139 3.27 -15.83 43.20
C VAL D 139 2.11 -16.74 42.81
N MET D 140 2.45 -17.89 42.25
CA MET D 140 1.46 -18.90 41.88
C MET D 140 1.46 -20.00 42.93
N THR D 141 0.30 -20.27 43.52
CA THR D 141 0.18 -21.18 44.65
C THR D 141 -0.68 -22.38 44.27
N GLN D 142 -0.15 -23.57 44.51
CA GLN D 142 -0.87 -24.83 44.40
C GLN D 142 -0.77 -25.53 45.75
N ALA D 143 -1.70 -25.20 46.65
CA ALA D 143 -1.60 -25.69 48.03
C ALA D 143 -1.69 -27.21 48.09
N THR D 144 -2.58 -27.81 47.30
CA THR D 144 -2.73 -29.26 47.29
C THR D 144 -1.54 -29.88 46.56
N SER D 145 -0.62 -30.47 47.31
CA SER D 145 0.57 -31.05 46.70
C SER D 145 0.25 -32.35 45.96
N SER D 146 -0.60 -33.19 46.55
CA SER D 146 -0.93 -34.49 45.97
C SER D 146 -2.43 -34.74 46.09
N VAL D 147 -2.96 -35.51 45.14
CA VAL D 147 -4.37 -35.87 45.11
C VAL D 147 -4.51 -37.34 44.78
N PRO D 148 -5.07 -38.17 45.68
CA PRO D 148 -5.31 -39.57 45.33
C PRO D 148 -6.50 -39.68 44.40
N VAL D 149 -6.30 -40.38 43.28
CA VAL D 149 -7.29 -40.48 42.22
C VAL D 149 -7.47 -41.94 41.82
N THR D 150 -8.60 -42.22 41.18
CA THR D 150 -8.91 -43.52 40.62
C THR D 150 -9.35 -43.36 39.17
N PRO D 151 -9.03 -44.32 38.31
CA PRO D 151 -9.36 -44.19 36.89
C PRO D 151 -10.86 -44.06 36.67
N GLY D 152 -11.24 -43.24 35.69
CA GLY D 152 -12.63 -43.04 35.34
C GLY D 152 -13.36 -42.03 36.19
N GLU D 153 -12.69 -41.41 37.15
CA GLU D 153 -13.32 -40.45 38.05
C GLU D 153 -12.84 -39.04 37.74
N SER D 154 -13.72 -38.07 37.94
CA SER D 154 -13.40 -36.69 37.61
C SER D 154 -12.54 -36.06 38.70
N VAL D 155 -11.52 -35.32 38.27
CA VAL D 155 -10.57 -34.69 39.18
C VAL D 155 -10.48 -33.21 38.86
N SER D 156 -10.41 -32.39 39.89
CA SER D 156 -10.24 -30.95 39.76
C SER D 156 -8.97 -30.51 40.48
N ILE D 157 -8.21 -29.65 39.81
CA ILE D 157 -6.96 -29.10 40.35
C ILE D 157 -7.11 -27.59 40.44
N SER D 158 -6.72 -27.03 41.57
CA SER D 158 -6.89 -25.60 41.84
C SER D 158 -5.55 -24.89 41.80
N CYS D 159 -5.56 -23.66 41.29
CA CYS D 159 -4.39 -22.81 41.23
C CYS D 159 -4.79 -21.40 41.68
N ARG D 160 -3.87 -20.71 42.34
CA ARG D 160 -4.12 -19.36 42.82
C ARG D 160 -2.95 -18.46 42.43
N SER D 161 -3.24 -17.18 42.26
CA SER D 161 -2.24 -16.18 41.90
C SER D 161 -2.35 -14.99 42.85
N SER D 162 -1.19 -14.40 43.17
CA SER D 162 -1.18 -13.22 44.03
C SER D 162 -1.81 -12.02 43.35
N LYS D 163 -1.68 -11.90 42.03
CA LYS D 163 -2.29 -10.82 41.27
C LYS D 163 -3.32 -11.39 40.31
N SER D 164 -4.26 -10.54 39.92
CA SER D 164 -5.25 -10.92 38.92
C SER D 164 -4.57 -11.07 37.57
N LEU D 165 -4.71 -12.24 36.95
CA LEU D 165 -4.14 -12.51 35.65
C LEU D 165 -5.02 -12.05 34.50
N LEU D 166 -6.19 -11.51 34.77
CA LEU D 166 -7.05 -11.00 33.71
C LEU D 166 -6.56 -9.62 33.29
N HIS D 167 -6.19 -9.50 32.02
CA HIS D 167 -5.71 -8.24 31.46
C HIS D 167 -6.89 -7.43 30.91
N SER D 168 -6.62 -6.16 30.65
CA SER D 168 -7.66 -5.27 30.12
C SER D 168 -8.08 -5.62 28.70
N ASN D 169 -7.33 -6.47 28.00
CA ASN D 169 -7.72 -6.88 26.65
C ASN D 169 -8.61 -8.12 26.65
N GLY D 170 -8.94 -8.66 27.82
CA GLY D 170 -9.82 -9.79 27.96
C GLY D 170 -9.12 -11.12 28.13
N ASN D 171 -7.83 -11.21 27.85
CA ASN D 171 -7.09 -12.45 28.04
C ASN D 171 -6.78 -12.66 29.51
N THR D 172 -6.80 -13.93 29.93
CA THR D 172 -6.32 -14.35 31.24
C THR D 172 -5.11 -15.25 31.01
N TYR D 173 -3.92 -14.74 31.27
CA TYR D 173 -2.67 -15.37 30.87
C TYR D 173 -2.26 -16.44 31.89
N LEU D 174 -3.00 -17.55 31.88
CA LEU D 174 -2.73 -18.69 32.80
C LEU D 174 -2.52 -19.96 31.97
N TYR D 175 -1.38 -20.62 32.14
CA TYR D 175 -1.06 -21.84 31.35
C TYR D 175 -1.04 -23.07 32.26
N TRP D 176 -1.58 -24.19 31.78
CA TRP D 176 -1.61 -25.46 32.56
C TRP D 176 -0.73 -26.48 31.84
N PHE D 177 0.20 -27.13 32.55
CA PHE D 177 1.08 -28.12 31.90
C PHE D 177 0.93 -29.46 32.62
N LEU D 178 1.37 -30.54 31.97
CA LEU D 178 1.37 -31.87 32.56
C LEU D 178 2.72 -32.50 32.31
N GLN D 179 3.38 -32.94 33.38
CA GLN D 179 4.66 -33.63 33.29
C GLN D 179 4.47 -35.06 33.79
N ARG D 180 4.30 -36.00 32.85
CA ARG D 180 4.22 -37.40 33.21
C ARG D 180 5.58 -37.88 33.70
N PRO D 181 5.61 -38.90 34.55
CA PRO D 181 6.89 -39.38 35.10
C PRO D 181 7.83 -39.84 34.01
N GLY D 182 9.02 -39.23 33.98
CA GLY D 182 10.02 -39.54 32.97
C GLY D 182 9.89 -38.77 31.68
N GLN D 183 8.88 -37.94 31.53
CA GLN D 183 8.60 -37.21 30.29
C GLN D 183 8.73 -35.72 30.51
N SER D 184 8.90 -35.00 29.40
CA SER D 184 8.91 -33.55 29.42
C SER D 184 7.51 -32.99 29.59
N PRO D 185 7.38 -31.76 30.08
CA PRO D 185 6.05 -31.17 30.23
C PRO D 185 5.36 -31.01 28.89
N GLN D 186 4.03 -31.09 28.91
CA GLN D 186 3.23 -30.89 27.73
C GLN D 186 2.17 -29.83 28.02
N LEU D 187 1.89 -28.99 27.04
CA LEU D 187 0.89 -27.94 27.22
C LEU D 187 -0.51 -28.55 27.18
N LEU D 188 -1.32 -28.20 28.16
CA LEU D 188 -2.72 -28.60 28.18
C LEU D 188 -3.65 -27.43 27.89
N ILE D 189 -3.57 -26.36 28.66
CA ILE D 189 -4.46 -25.22 28.55
C ILE D 189 -3.62 -23.96 28.43
N TYR D 190 -3.92 -23.14 27.43
CA TYR D 190 -3.25 -21.86 27.24
C TYR D 190 -4.27 -20.74 27.32
N ARG D 191 -3.90 -19.66 28.02
CA ARG D 191 -4.80 -18.55 28.31
C ARG D 191 -6.06 -19.01 29.03
N MET D 192 -5.89 -19.96 29.95
CA MET D 192 -6.83 -20.29 31.02
C MET D 192 -8.08 -21.02 30.56
N SER D 193 -8.36 -21.02 29.26
CA SER D 193 -9.55 -21.72 28.77
C SER D 193 -9.31 -22.54 27.52
N ASN D 194 -8.38 -22.15 26.65
CA ASN D 194 -8.21 -22.80 25.36
C ASN D 194 -7.46 -24.11 25.52
N LEU D 195 -7.87 -25.12 24.74
CA LEU D 195 -7.29 -26.45 24.79
C LEU D 195 -6.21 -26.58 23.72
N ALA D 196 -5.04 -27.03 24.13
CA ALA D 196 -3.91 -27.14 23.20
C ALA D 196 -4.15 -28.25 22.18
N SER D 197 -3.51 -28.09 21.03
CA SER D 197 -3.63 -29.08 19.95
C SER D 197 -3.06 -30.42 20.37
N GLY D 198 -3.81 -31.49 20.09
CA GLY D 198 -3.40 -32.83 20.46
C GLY D 198 -3.75 -33.25 21.85
N VAL D 199 -4.52 -32.44 22.58
CA VAL D 199 -4.89 -32.74 23.96
C VAL D 199 -6.35 -33.20 23.95
N PRO D 200 -6.68 -34.30 24.64
CA PRO D 200 -8.08 -34.76 24.63
C PRO D 200 -9.02 -33.73 25.24
N ASP D 201 -10.25 -33.73 24.75
CA ASP D 201 -11.26 -32.77 25.16
C ASP D 201 -11.71 -32.95 26.60
N ARG D 202 -11.34 -34.05 27.26
CA ARG D 202 -11.75 -34.26 28.64
C ARG D 202 -11.13 -33.21 29.57
N PHE D 203 -9.95 -32.70 29.23
CA PHE D 203 -9.37 -31.60 29.98
C PHE D 203 -10.14 -30.31 29.71
N SER D 204 -10.44 -29.57 30.78
CA SER D 204 -11.11 -28.29 30.65
C SER D 204 -10.56 -27.33 31.69
N GLY D 205 -10.28 -26.10 31.27
CA GLY D 205 -9.77 -25.07 32.15
C GLY D 205 -10.83 -24.01 32.40
N SER D 206 -11.09 -23.76 33.68
CA SER D 206 -12.05 -22.75 34.10
C SER D 206 -11.41 -21.88 35.18
N GLY D 207 -11.68 -20.59 35.13
CA GLY D 207 -11.12 -19.69 36.11
C GLY D 207 -11.80 -18.35 36.06
N SER D 208 -11.48 -17.53 37.06
CA SER D 208 -11.92 -16.15 37.09
C SER D 208 -11.01 -15.37 38.02
N GLY D 209 -10.52 -14.23 37.56
CA GLY D 209 -9.71 -13.36 38.38
C GLY D 209 -8.43 -14.02 38.88
N THR D 210 -8.41 -14.40 40.16
CA THR D 210 -7.23 -15.00 40.76
C THR D 210 -7.39 -16.48 41.06
N ALA D 211 -8.57 -17.05 40.88
CA ALA D 211 -8.85 -18.45 41.20
C ALA D 211 -9.13 -19.22 39.92
N PHE D 212 -8.43 -20.34 39.74
CA PHE D 212 -8.54 -21.13 38.52
C PHE D 212 -8.69 -22.60 38.86
N THR D 213 -9.41 -23.32 38.02
CA THR D 213 -9.68 -24.74 38.21
C THR D 213 -9.44 -25.50 36.91
N LEU D 214 -8.73 -26.62 36.99
CA LEU D 214 -8.54 -27.54 35.88
C LEU D 214 -9.34 -28.79 36.15
N THR D 215 -10.35 -29.06 35.33
CA THR D 215 -11.22 -30.21 35.50
C THR D 215 -10.84 -31.30 34.51
N ILE D 216 -10.63 -32.51 35.01
CA ILE D 216 -10.22 -33.65 34.20
C ILE D 216 -11.32 -34.71 34.33
N SER D 217 -12.21 -34.77 33.35
CA SER D 217 -13.27 -35.76 33.35
C SER D 217 -12.75 -37.09 32.80
N ARG D 218 -13.17 -38.18 33.45
CA ARG D 218 -12.81 -39.54 33.03
C ARG D 218 -11.29 -39.72 32.98
N LEU D 219 -10.67 -39.61 34.15
CA LEU D 219 -9.23 -39.73 34.27
C LEU D 219 -8.75 -41.09 33.78
N GLU D 220 -7.59 -41.11 33.13
CA GLU D 220 -6.98 -42.32 32.59
C GLU D 220 -5.58 -42.49 33.15
N ALA D 221 -4.95 -43.61 32.80
CA ALA D 221 -3.61 -43.90 33.29
C ALA D 221 -2.59 -42.89 32.79
N GLU D 222 -2.74 -42.45 31.53
CA GLU D 222 -1.79 -41.50 30.96
C GLU D 222 -1.83 -40.16 31.67
N ASP D 223 -3.00 -39.77 32.18
CA ASP D 223 -3.15 -38.48 32.86
C ASP D 223 -2.38 -38.40 34.17
N VAL D 224 -1.94 -39.53 34.71
CA VAL D 224 -1.18 -39.51 35.96
C VAL D 224 0.10 -38.73 35.76
N GLY D 225 0.35 -37.78 36.66
CA GLY D 225 1.54 -36.97 36.60
C GLY D 225 1.39 -35.73 37.46
N VAL D 226 2.35 -34.82 37.28
CA VAL D 226 2.37 -33.54 37.99
C VAL D 226 1.81 -32.46 37.08
N TYR D 227 0.95 -31.61 37.63
CA TYR D 227 0.32 -30.53 36.88
C TYR D 227 0.83 -29.19 37.39
N TYR D 228 1.29 -28.35 36.48
CA TYR D 228 1.81 -27.03 36.82
C TYR D 228 0.95 -25.95 36.17
N CYS D 229 0.65 -24.91 36.94
CA CYS D 229 0.02 -23.70 36.42
C CYS D 229 1.04 -22.59 36.33
N MET D 230 1.12 -21.96 35.17
CA MET D 230 2.08 -20.89 34.91
C MET D 230 1.33 -19.63 34.49
N GLN D 231 1.83 -18.48 34.93
CA GLN D 231 1.29 -17.20 34.50
C GLN D 231 2.20 -16.60 33.45
N HIS D 232 1.59 -15.99 32.42
CA HIS D 232 2.34 -15.29 31.39
C HIS D 232 1.89 -13.84 31.30
N LEU D 233 1.36 -13.30 32.40
CA LEU D 233 0.93 -11.91 32.42
C LEU D 233 2.11 -10.96 32.28
N GLU D 234 3.23 -11.27 32.93
CA GLU D 234 4.39 -10.40 32.89
C GLU D 234 5.62 -11.22 33.24
N TYR D 235 6.78 -10.67 32.92
CA TYR D 235 8.03 -11.32 33.27
C TYR D 235 8.49 -10.90 34.67
N PRO D 236 9.10 -11.80 35.44
CA PRO D 236 9.47 -13.18 35.10
C PRO D 236 8.29 -14.16 35.15
N LEU D 237 8.25 -15.11 34.22
CA LEU D 237 7.23 -16.13 34.23
C LEU D 237 7.44 -17.05 35.43
N THR D 238 6.38 -17.27 36.19
CA THR D 238 6.46 -18.07 37.41
C THR D 238 5.53 -19.27 37.33
N PHE D 239 5.98 -20.37 37.90
CA PHE D 239 5.24 -21.63 37.92
C PHE D 239 4.67 -21.87 39.32
N GLY D 240 3.59 -22.63 39.37
CA GLY D 240 3.10 -23.12 40.65
C GLY D 240 3.95 -24.25 41.17
N ALA D 241 3.70 -24.60 42.44
CA ALA D 241 4.44 -25.69 43.07
C ALA D 241 4.21 -27.00 42.33
N GLY D 242 2.99 -27.24 41.89
CA GLY D 242 2.64 -28.44 41.16
C GLY D 242 1.78 -29.37 42.00
N THR D 243 0.79 -29.97 41.36
CA THR D 243 -0.11 -30.94 41.99
C THR D 243 0.11 -32.29 41.33
N LYS D 244 0.47 -33.28 42.13
CA LYS D 244 0.74 -34.62 41.63
C LYS D 244 -0.50 -35.49 41.76
N LEU D 245 -0.80 -36.24 40.71
CA LEU D 245 -1.88 -37.21 40.72
C LEU D 245 -1.29 -38.61 40.81
N GLU D 246 -1.76 -39.39 41.79
CA GLU D 246 -1.28 -40.74 42.00
C GLU D 246 -2.47 -41.67 42.19
N LEU D 247 -2.28 -42.93 41.77
CA LEU D 247 -3.33 -43.93 41.89
C LEU D 247 -3.31 -44.61 43.25
N CYS E 64 25.80 46.54 21.09
CA CYS E 64 25.04 46.51 19.85
C CYS E 64 24.49 47.89 19.51
N PHE E 65 24.67 48.84 20.43
CA PHE E 65 24.17 50.20 20.24
C PHE E 65 25.17 51.00 19.42
N ARG E 66 25.26 50.64 18.14
CA ARG E 66 26.17 51.33 17.23
C ARG E 66 25.67 52.75 16.97
N PRO E 67 26.54 53.76 17.03
CA PRO E 67 26.09 55.13 16.77
C PRO E 67 25.80 55.34 15.29
N THR E 68 24.59 55.81 15.01
CA THR E 68 24.14 56.07 13.64
C THR E 68 23.57 57.47 13.56
N ASN E 69 23.90 58.16 12.46
CA ASN E 69 23.42 59.53 12.21
C ASN E 69 22.95 59.57 10.75
N ILE E 70 21.67 59.28 10.54
CA ILE E 70 21.11 59.27 9.20
C ILE E 70 20.79 60.70 8.79
N THR E 71 21.33 61.12 7.65
CA THR E 71 21.07 62.46 7.15
C THR E 71 19.63 62.57 6.64
N LEU E 72 19.10 63.79 6.67
CA LEU E 72 17.74 64.02 6.19
C LEU E 72 17.65 63.81 4.68
N GLU E 73 18.74 64.05 3.95
CA GLU E 73 18.73 63.82 2.51
C GLU E 73 18.57 62.34 2.19
N GLU E 74 19.21 61.47 2.98
CA GLU E 74 19.12 60.03 2.76
C GLU E 74 17.86 59.42 3.37
N ARG E 75 17.06 60.20 4.09
CA ARG E 75 15.83 59.68 4.69
C ARG E 75 14.77 59.36 3.64
N ARG E 76 14.93 59.82 2.41
CA ARG E 76 13.98 59.52 1.34
C ARG E 76 14.65 59.13 0.03
N LEU E 77 15.97 59.19 -0.08
CA LEU E 77 16.66 58.84 -1.32
C LEU E 77 17.11 57.38 -1.33
N ILE E 78 17.91 56.98 -0.35
CA ILE E 78 18.44 55.63 -0.27
C ILE E 78 17.75 54.83 0.83
N ALA E 79 17.63 55.40 2.02
CA ALA E 79 16.96 54.73 3.14
C ALA E 79 15.47 55.09 3.17
N SER E 80 14.80 54.91 2.05
CA SER E 80 13.38 55.24 1.97
C SER E 80 12.56 54.25 2.79
N PRO E 81 11.62 54.71 3.60
CA PRO E 81 10.76 53.77 4.34
C PRO E 81 9.95 52.87 3.42
N TRP E 82 9.54 53.36 2.26
CA TRP E 82 8.76 52.56 1.32
C TRP E 82 9.62 51.63 0.48
N PHE E 83 10.94 51.84 0.46
CA PHE E 83 11.81 50.99 -0.34
C PHE E 83 11.80 49.55 0.17
N ALA E 84 11.84 49.38 1.49
CA ALA E 84 11.76 48.06 2.11
C ALA E 84 10.35 47.70 2.55
N ALA E 85 9.37 48.55 2.30
CA ALA E 85 7.99 48.24 2.64
C ALA E 85 7.23 47.63 1.48
N SER E 86 7.54 48.05 0.24
CA SER E 86 6.88 47.46 -0.92
C SER E 86 7.38 46.06 -1.20
N PHE E 87 8.65 45.77 -0.87
CA PHE E 87 9.18 44.42 -1.08
C PHE E 87 8.43 43.40 -0.22
N CYS E 88 8.12 43.76 1.02
CA CYS E 88 7.37 42.85 1.88
C CYS E 88 5.97 42.60 1.35
N VAL E 89 5.29 43.65 0.87
CA VAL E 89 3.95 43.48 0.34
C VAL E 89 3.97 42.59 -0.90
N VAL E 90 4.91 42.85 -1.81
CA VAL E 90 5.02 42.03 -3.01
C VAL E 90 5.53 40.64 -2.66
N GLY E 91 6.53 40.55 -1.78
CA GLY E 91 7.10 39.27 -1.44
C GLY E 91 6.12 38.33 -0.76
N LEU E 92 5.35 38.85 0.20
CA LEU E 92 4.37 38.02 0.89
C LEU E 92 3.24 37.61 -0.06
N ALA E 93 2.81 38.53 -0.94
CA ALA E 93 1.75 38.20 -1.87
C ALA E 93 2.16 37.10 -2.83
N SER E 94 3.38 37.17 -3.37
CA SER E 94 3.83 36.16 -4.31
C SER E 94 3.95 34.79 -3.64
N ASN E 95 4.51 34.74 -2.43
CA ASN E 95 4.65 33.46 -1.75
C ASN E 95 3.30 32.86 -1.40
N LEU E 96 2.37 33.68 -0.91
CA LEU E 96 1.04 33.16 -0.59
C LEU E 96 0.32 32.70 -1.85
N LEU E 97 0.44 33.48 -2.94
CA LEU E 97 -0.19 33.06 -4.19
C LEU E 97 0.42 31.77 -4.71
N ALA E 98 1.74 31.64 -4.62
CA ALA E 98 2.40 30.42 -5.05
C ALA E 98 2.27 29.28 -4.05
N LEU E 99 1.84 29.57 -2.83
CA LEU E 99 1.55 28.52 -1.86
C LEU E 99 0.11 28.04 -1.96
N SER E 100 -0.80 28.92 -2.36
CA SER E 100 -2.19 28.51 -2.57
C SER E 100 -2.30 27.48 -3.69
N VAL E 101 -1.60 27.72 -4.80
CA VAL E 101 -1.60 26.74 -5.88
C VAL E 101 -0.85 25.48 -5.46
N LEU E 102 0.22 25.63 -4.68
CA LEU E 102 0.93 24.47 -4.16
C LEU E 102 0.06 23.64 -3.24
N ALA E 103 -0.75 24.31 -2.39
CA ALA E 103 -1.65 23.58 -1.51
C ALA E 103 -2.70 22.83 -2.31
N GLY E 104 -3.23 23.45 -3.37
CA GLY E 104 -4.23 22.77 -4.19
C GLY E 104 -3.69 21.52 -4.87
N ALA E 105 -2.45 21.59 -5.38
CA ALA E 105 -1.83 20.41 -5.97
C ALA E 105 -1.54 19.36 -4.91
N ARG E 106 -1.14 19.79 -3.71
CA ARG E 106 -0.87 18.83 -2.64
C ARG E 106 -2.14 18.09 -2.22
N GLN E 107 -3.27 18.79 -2.16
CA GLN E 107 -4.52 18.15 -1.78
C GLN E 107 -4.91 17.05 -2.75
N GLY E 108 -4.60 17.22 -4.03
CA GLY E 108 -4.90 16.18 -4.99
C GLY E 108 -4.10 14.91 -4.77
N GLY E 109 -2.84 15.06 -4.36
CA GLY E 109 -2.01 13.91 -4.10
C GLY E 109 -1.56 13.17 -5.35
N SER E 110 -1.68 13.79 -6.52
CA SER E 110 -1.33 13.15 -7.77
C SER E 110 0.16 13.24 -8.10
N HIS E 111 0.95 13.90 -7.26
CA HIS E 111 2.39 14.06 -7.45
C HIS E 111 3.09 13.49 -6.23
N THR E 112 3.39 12.18 -6.28
CA THR E 112 4.00 11.48 -5.16
C THR E 112 5.22 10.64 -5.53
N ARG E 113 5.57 10.55 -6.81
CA ARG E 113 6.71 9.74 -7.20
C ARG E 113 8.05 10.44 -6.99
N SER E 114 8.03 11.75 -6.74
CA SER E 114 9.26 12.50 -6.50
C SER E 114 9.06 13.42 -5.30
N SER E 115 10.15 13.65 -4.57
CA SER E 115 10.14 14.49 -3.39
C SER E 115 10.25 15.97 -3.74
N PHE E 116 9.98 16.35 -4.98
CA PHE E 116 10.11 17.74 -5.39
C PHE E 116 9.15 18.64 -4.62
N LEU E 117 7.91 18.19 -4.41
CA LEU E 117 6.95 19.01 -3.69
C LEU E 117 7.33 19.19 -2.23
N THR E 118 8.05 18.23 -1.65
CA THR E 118 8.49 18.38 -0.26
C THR E 118 9.51 19.50 -0.14
N PHE E 119 10.53 19.50 -0.99
CA PHE E 119 11.48 20.61 -1.00
C PHE E 119 10.81 21.91 -1.40
N LEU E 120 9.91 21.86 -2.38
CA LEU E 120 9.23 23.07 -2.84
C LEU E 120 8.37 23.67 -1.74
N CYS E 121 7.69 22.82 -0.97
CA CYS E 121 6.86 23.33 0.12
C CYS E 121 7.72 24.03 1.17
N GLY E 122 8.89 23.46 1.47
CA GLY E 122 9.77 24.08 2.44
C GLY E 122 10.32 25.41 1.96
N LEU E 123 10.66 25.50 0.67
CA LEU E 123 11.20 26.74 0.13
C LEU E 123 10.18 27.86 0.19
N VAL E 124 8.91 27.56 -0.11
CA VAL E 124 7.89 28.59 -0.07
C VAL E 124 7.63 29.04 1.36
N LEU E 125 7.58 28.09 2.30
CA LEU E 125 7.38 28.48 3.70
C LEU E 125 8.54 29.29 4.23
N THR E 126 9.77 28.90 3.89
CA THR E 126 10.94 29.63 4.37
C THR E 126 10.95 31.06 3.85
N ASP E 127 10.69 31.24 2.56
CA ASP E 127 10.68 32.59 1.99
C ASP E 127 9.54 33.42 2.57
N PHE E 128 8.37 32.82 2.75
CA PHE E 128 7.24 33.56 3.31
C PHE E 128 7.53 34.03 4.74
N LEU E 129 8.10 33.15 5.57
CA LEU E 129 8.40 33.53 6.94
C LEU E 129 9.54 34.55 6.99
N GLY E 130 10.53 34.41 6.11
CA GLY E 130 11.62 35.37 6.09
C GLY E 130 11.16 36.77 5.75
N LEU E 131 10.17 36.89 4.86
CA LEU E 131 9.62 38.18 4.48
C LEU E 131 8.51 38.64 5.42
N LEU E 132 8.17 37.83 6.42
CA LEU E 132 7.16 38.20 7.42
C LEU E 132 7.77 38.56 8.76
N VAL E 133 8.72 37.75 9.24
CA VAL E 133 9.39 38.06 10.50
C VAL E 133 10.24 39.32 10.37
N THR E 134 11.16 39.31 9.41
CA THR E 134 11.99 40.49 9.18
C THR E 134 11.17 41.64 8.61
N GLY E 135 10.07 41.35 7.93
CA GLY E 135 9.24 42.41 7.39
C GLY E 135 8.58 43.25 8.46
N THR E 136 8.04 42.61 9.50
CA THR E 136 7.39 43.36 10.57
C THR E 136 8.40 44.18 11.36
N ILE E 137 9.59 43.64 11.59
CA ILE E 137 10.60 44.35 12.38
C ILE E 137 11.03 45.63 11.68
N VAL E 138 11.31 45.54 10.38
CA VAL E 138 11.80 46.70 9.65
C VAL E 138 10.71 47.76 9.51
N VAL E 139 9.49 47.34 9.16
CA VAL E 139 8.41 48.29 8.97
C VAL E 139 8.06 48.99 10.27
N SER E 140 8.00 48.24 11.38
CA SER E 140 7.64 48.83 12.66
C SER E 140 8.67 49.88 13.09
N GLN E 141 9.96 49.57 12.92
CA GLN E 141 11.00 50.51 13.32
C GLN E 141 10.98 51.79 12.52
N HIS E 142 10.43 51.76 11.31
CA HIS E 142 10.33 52.97 10.50
C HIS E 142 9.17 53.86 10.92
N ALA E 143 8.23 53.36 11.73
CA ALA E 143 7.08 54.13 12.18
C ALA E 143 7.10 54.40 13.68
N ALA E 144 7.20 53.34 14.49
CA ALA E 144 7.19 53.46 15.95
C ALA E 144 8.50 52.94 16.52
N LEU E 145 8.99 53.62 17.56
CA LEU E 145 10.24 53.26 18.24
C LEU E 145 11.40 53.22 17.23
N PHE E 146 11.67 54.39 16.63
CA PHE E 146 12.73 54.48 15.63
C PHE E 146 14.10 54.18 16.24
N GLU E 147 14.35 54.67 17.44
CA GLU E 147 15.63 54.43 18.10
C GLU E 147 15.79 52.95 18.45
N TRP E 148 16.99 52.43 18.23
CA TRP E 148 17.30 51.04 18.55
C TRP E 148 18.08 50.88 19.85
N HIS E 149 18.80 51.92 20.28
CA HIS E 149 19.54 51.87 21.53
C HIS E 149 18.69 52.26 22.73
N ALA E 150 17.46 52.73 22.50
CA ALA E 150 16.55 53.13 23.57
C ALA E 150 15.32 52.25 23.68
N VAL E 151 14.72 51.86 22.55
CA VAL E 151 13.57 50.97 22.60
C VAL E 151 13.96 49.61 23.17
N ASP E 152 15.10 49.08 22.74
CA ASP E 152 15.61 47.80 23.22
C ASP E 152 17.06 48.00 23.64
N PRO E 153 17.29 48.57 24.83
CA PRO E 153 18.68 48.76 25.28
C PRO E 153 19.45 47.46 25.38
N GLY E 154 18.79 46.38 25.80
CA GLY E 154 19.44 45.09 25.80
C GLY E 154 19.63 44.55 24.40
N CYS E 155 20.74 43.84 24.21
CA CYS E 155 21.08 43.29 22.89
C CYS E 155 20.43 41.93 22.69
N ARG E 156 19.11 41.90 22.82
CA ARG E 156 18.33 40.70 22.59
C ARG E 156 17.63 40.72 21.23
N LEU E 157 17.00 41.84 20.89
CA LEU E 157 16.33 41.93 19.59
C LEU E 157 17.32 41.83 18.45
N CYS E 158 18.49 42.46 18.59
CA CYS E 158 19.51 42.39 17.56
C CYS E 158 20.02 40.97 17.38
N ARG E 159 20.25 40.26 18.48
CA ARG E 159 20.67 38.86 18.36
C ARG E 159 19.57 38.02 17.73
N PHE E 160 18.31 38.25 18.12
CA PHE E 160 17.20 37.60 17.43
C PHE E 160 17.14 38.00 15.97
N MET E 161 17.33 39.30 15.68
CA MET E 161 17.39 39.75 14.30
C MET E 161 18.56 39.13 13.57
N GLY E 162 19.71 39.02 14.23
CA GLY E 162 20.87 38.44 13.59
C GLY E 162 20.68 36.97 13.26
N VAL E 163 20.01 36.23 14.15
CA VAL E 163 19.76 34.81 13.87
C VAL E 163 18.75 34.65 12.76
N VAL E 164 17.68 35.46 12.76
CA VAL E 164 16.63 35.31 11.77
C VAL E 164 17.08 35.79 10.39
N MET E 165 18.06 36.68 10.31
CA MET E 165 18.58 37.09 9.02
C MET E 165 19.46 36.01 8.40
N ILE E 166 20.34 35.41 9.19
CA ILE E 166 21.23 34.38 8.65
C ILE E 166 20.44 33.11 8.33
N PHE E 167 19.51 32.73 9.20
CA PHE E 167 18.76 31.50 8.98
C PHE E 167 17.92 31.57 7.72
N PHE E 168 17.25 32.69 7.48
CA PHE E 168 16.43 32.85 6.29
C PHE E 168 17.23 33.40 5.11
N GLY E 169 18.51 33.68 5.30
CA GLY E 169 19.37 34.11 4.23
C GLY E 169 20.21 32.96 3.69
N LEU E 170 20.17 31.82 4.38
CA LEU E 170 20.91 30.65 3.94
C LEU E 170 20.01 29.46 3.64
N SER E 171 18.81 29.39 4.22
CA SER E 171 17.90 28.29 3.90
C SER E 171 17.47 28.30 2.44
N PRO E 172 17.07 29.42 1.83
CA PRO E 172 16.80 29.39 0.38
C PRO E 172 18.00 28.99 -0.45
N LEU E 173 19.22 29.34 -0.05
CA LEU E 173 20.39 28.92 -0.80
C LEU E 173 20.62 27.42 -0.67
N LEU E 174 20.45 26.89 0.53
CA LEU E 174 20.64 25.45 0.73
C LEU E 174 19.51 24.64 0.12
N LEU E 175 18.26 25.08 0.28
CA LEU E 175 17.15 24.41 -0.37
C LEU E 175 17.27 24.51 -1.88
N GLY E 176 17.69 25.67 -2.38
CA GLY E 176 17.93 25.81 -3.80
C GLY E 176 19.01 24.87 -4.30
N ALA E 177 20.01 24.60 -3.49
CA ALA E 177 21.02 23.60 -3.83
C ALA E 177 20.54 22.18 -3.59
N ALA E 178 19.44 22.00 -2.86
CA ALA E 178 18.86 20.69 -2.65
C ALA E 178 17.89 20.31 -3.76
N MET E 179 17.01 21.23 -4.16
CA MET E 179 16.10 20.97 -5.27
C MET E 179 16.89 20.75 -6.56
N ALA E 180 18.05 21.38 -6.69
CA ALA E 180 18.89 21.15 -7.86
C ALA E 180 19.40 19.71 -7.89
N SER E 181 19.71 19.13 -6.72
CA SER E 181 20.13 17.74 -6.68
C SER E 181 18.98 16.80 -6.99
N GLU E 182 17.77 17.13 -6.53
CA GLU E 182 16.61 16.32 -6.88
C GLU E 182 16.34 16.37 -8.38
N ARG E 183 16.42 17.56 -8.97
CA ARG E 183 16.24 17.67 -10.42
C ARG E 183 17.37 17.01 -11.19
N TYR E 184 18.57 16.98 -10.62
CA TYR E 184 19.70 16.38 -11.33
C TYR E 184 19.57 14.87 -11.42
N LEU E 185 19.21 14.22 -10.31
CA LEU E 185 19.06 12.77 -10.32
C LEU E 185 17.81 12.34 -11.07
N GLY E 186 16.78 13.18 -11.09
CA GLY E 186 15.56 12.85 -11.78
C GLY E 186 15.59 13.10 -13.27
N ILE E 187 16.71 13.60 -13.79
CA ILE E 187 16.87 13.89 -15.21
C ILE E 187 18.07 13.14 -15.79
N THR E 188 19.21 13.22 -15.13
CA THR E 188 20.41 12.55 -15.63
C THR E 188 20.28 11.04 -15.54
N ARG E 189 19.80 10.53 -14.41
CA ARG E 189 19.67 9.09 -14.15
C ARG E 189 18.25 8.80 -13.69
N PRO E 190 17.30 8.73 -14.62
CA PRO E 190 15.89 8.51 -14.21
C PRO E 190 15.67 7.21 -13.47
N PHE E 191 16.43 6.18 -13.77
CA PHE E 191 16.22 4.88 -13.14
C PHE E 191 16.66 4.86 -11.68
N SER E 192 17.60 5.72 -11.31
CA SER E 192 18.07 5.76 -9.93
C SER E 192 16.96 6.16 -8.97
N ARG E 193 16.15 7.15 -9.36
CA ARG E 193 15.10 7.64 -8.48
C ARG E 193 13.99 6.59 -8.37
N PRO E 194 13.59 6.22 -7.16
CA PRO E 194 12.47 5.28 -7.01
C PRO E 194 11.14 5.93 -7.37
N ALA E 195 10.15 5.08 -7.60
CA ALA E 195 8.83 5.54 -8.02
C ALA E 195 7.98 6.08 -6.88
N VAL E 196 8.53 6.19 -5.67
CA VAL E 196 7.82 6.74 -4.53
C VAL E 196 8.74 7.70 -3.79
N ALA E 197 8.22 8.89 -3.47
CA ALA E 197 9.04 9.92 -2.85
C ALA E 197 9.47 9.54 -1.44
N SER E 198 8.59 8.84 -0.70
CA SER E 198 8.79 8.59 0.73
C SER E 198 8.97 9.92 1.47
N GLN E 199 7.90 10.73 1.45
CA GLN E 199 7.97 12.09 1.96
C GLN E 199 8.34 12.12 3.43
N ARG E 200 8.06 11.04 4.17
CA ARG E 200 8.47 10.97 5.56
C ARG E 200 10.00 11.06 5.70
N ARG E 201 10.72 10.52 4.73
CA ARG E 201 12.17 10.63 4.70
C ARG E 201 12.65 11.79 3.83
N ALA E 202 11.75 12.47 3.12
CA ALA E 202 12.15 13.64 2.34
C ALA E 202 12.37 14.85 3.24
N TRP E 203 11.56 14.98 4.29
CA TRP E 203 11.73 16.09 5.23
C TRP E 203 13.03 16.01 6.01
N ALA E 204 13.69 14.84 6.02
CA ALA E 204 14.97 14.74 6.69
C ALA E 204 16.00 15.65 6.03
N THR E 205 16.02 15.69 4.70
CA THR E 205 16.91 16.60 4.00
C THR E 205 16.52 18.06 4.24
N VAL E 206 15.22 18.35 4.25
CA VAL E 206 14.77 19.71 4.56
C VAL E 206 15.11 20.05 5.99
N GLY E 207 14.91 19.12 6.91
CA GLY E 207 15.19 19.38 8.32
C GLY E 207 16.66 19.64 8.57
N LEU E 208 17.55 18.85 7.97
CA LEU E 208 18.98 19.07 8.15
C LEU E 208 19.43 20.38 7.52
N VAL E 209 18.77 20.81 6.44
CA VAL E 209 19.09 22.09 5.83
C VAL E 209 18.81 23.23 6.80
N TRP E 210 17.65 23.18 7.46
CA TRP E 210 17.34 24.18 8.49
C TRP E 210 18.28 24.06 9.68
N ALA E 211 18.60 22.82 10.07
CA ALA E 211 19.53 22.63 11.18
C ALA E 211 20.91 23.17 10.86
N ALA E 212 21.39 22.93 9.64
CA ALA E 212 22.69 23.49 9.24
C ALA E 212 22.64 25.01 9.16
N ALA E 213 21.54 25.55 8.63
CA ALA E 213 21.42 27.01 8.53
C ALA E 213 21.32 27.64 9.92
N LEU E 214 20.51 27.04 10.80
CA LEU E 214 20.36 27.60 12.14
C LEU E 214 21.63 27.47 12.96
N ALA E 215 22.41 26.41 12.71
CA ALA E 215 23.68 26.26 13.42
C ALA E 215 24.63 27.39 13.08
N LEU E 216 24.68 27.79 11.82
CA LEU E 216 25.52 28.92 11.43
C LEU E 216 25.02 30.22 12.03
N GLY E 217 23.71 30.35 12.22
CA GLY E 217 23.15 31.58 12.76
C GLY E 217 23.36 31.79 14.23
N LEU E 218 23.84 30.79 14.96
CA LEU E 218 24.07 30.90 16.39
C LEU E 218 25.54 31.09 16.74
N LEU E 219 26.45 31.07 15.75
CA LEU E 219 27.86 31.29 16.05
C LEU E 219 28.14 32.65 16.68
N PRO E 220 27.58 33.77 16.19
CA PRO E 220 27.78 35.04 16.92
C PRO E 220 27.28 34.99 18.35
N LEU E 221 26.21 34.24 18.62
CA LEU E 221 25.73 34.07 19.99
C LEU E 221 26.65 33.17 20.82
N LEU E 222 27.61 32.49 20.20
CA LEU E 222 28.51 31.59 20.92
C LEU E 222 29.95 32.08 20.92
N GLY E 223 30.19 33.34 20.56
CA GLY E 223 31.51 33.92 20.64
C GLY E 223 32.29 33.99 19.35
N VAL E 224 31.71 33.56 18.23
CA VAL E 224 32.37 33.61 16.93
C VAL E 224 31.56 34.59 16.07
N GLY E 225 32.07 35.81 15.93
CA GLY E 225 31.34 36.86 15.24
C GLY E 225 30.38 37.57 16.19
N ARG E 226 29.71 38.59 15.65
CA ARG E 226 28.79 39.38 16.45
C ARG E 226 27.78 40.05 15.53
N TYR E 227 26.66 40.46 16.14
CA TYR E 227 25.59 41.15 15.44
C TYR E 227 25.52 42.58 15.91
N THR E 228 25.57 43.52 14.96
CA THR E 228 25.51 44.95 15.27
C THR E 228 24.54 45.63 14.32
N VAL E 229 23.96 46.75 14.79
CA VAL E 229 23.00 47.48 13.99
C VAL E 229 23.71 48.12 12.81
N GLN E 230 23.17 47.91 11.61
CA GLN E 230 23.73 48.45 10.38
C GLN E 230 22.93 49.66 9.91
N TYR E 231 23.46 50.31 8.87
CA TYR E 231 22.78 51.46 8.30
C TYR E 231 21.48 51.00 7.64
N PRO E 232 20.39 51.78 7.76
CA PRO E 232 20.27 53.07 8.45
C PRO E 232 19.88 52.94 9.91
N GLY E 233 19.84 51.72 10.46
CA GLY E 233 19.47 51.55 11.84
C GLY E 233 18.12 50.89 12.02
N SER E 234 17.80 49.94 11.15
CA SER E 234 16.54 49.21 11.26
C SER E 234 16.72 47.71 11.05
N TRP E 235 17.95 47.20 11.08
CA TRP E 235 18.19 45.78 10.89
C TRP E 235 19.58 45.45 11.41
N CYS E 236 19.73 44.25 11.94
CA CYS E 236 21.00 43.77 12.47
C CYS E 236 21.55 42.67 11.58
N PHE E 237 22.87 42.68 11.40
CA PHE E 237 23.55 41.74 10.53
C PHE E 237 24.96 41.54 11.03
N LEU E 238 25.64 40.55 10.48
CA LEU E 238 27.01 40.27 10.90
C LEU E 238 27.91 41.48 10.65
N THR E 239 28.75 41.79 11.63
CA THR E 239 29.61 42.96 11.53
C THR E 239 30.73 42.73 10.52
N LEU E 240 30.95 43.72 9.66
CA LEU E 240 32.00 43.65 8.64
C LEU E 240 33.33 44.17 9.20
N GLY E 241 33.81 43.48 10.23
CA GLY E 241 35.06 43.84 10.88
C GLY E 241 36.23 42.99 10.41
N ALA E 242 37.40 43.28 10.98
CA ALA E 242 38.63 42.57 10.66
C ALA E 242 39.13 41.72 11.82
N GLU E 243 38.31 41.50 12.84
CA GLU E 243 38.73 40.68 13.97
C GLU E 243 38.83 39.21 13.56
N SER E 244 39.38 38.41 14.46
CA SER E 244 39.52 36.99 14.20
C SER E 244 38.16 36.32 14.03
N GLY E 245 37.19 36.69 14.86
CA GLY E 245 35.86 36.14 14.72
C GLY E 245 35.17 36.61 13.45
N ASP E 246 35.35 37.89 13.09
CA ASP E 246 34.71 38.42 11.90
C ASP E 246 35.22 37.74 10.63
N VAL E 247 36.54 37.53 10.54
CA VAL E 247 37.09 36.84 9.38
C VAL E 247 36.61 35.39 9.35
N ALA E 248 36.61 34.72 10.50
CA ALA E 248 36.19 33.33 10.54
C ALA E 248 34.72 33.18 10.18
N PHE E 249 33.88 34.10 10.65
CA PHE E 249 32.46 34.02 10.37
C PHE E 249 32.06 34.69 9.07
N GLY E 250 32.76 35.75 8.67
CA GLY E 250 32.42 36.41 7.42
C GLY E 250 32.64 35.52 6.21
N LEU E 251 33.77 34.82 6.18
CA LEU E 251 34.04 33.92 5.07
C LEU E 251 33.20 32.65 5.16
N LEU E 252 32.92 32.17 6.37
CA LEU E 252 32.11 30.96 6.52
C LEU E 252 30.71 31.18 5.97
N PHE E 253 30.12 32.36 6.22
CA PHE E 253 28.84 32.68 5.64
C PHE E 253 28.93 32.75 4.12
N SER E 254 30.02 33.32 3.60
CA SER E 254 30.19 33.40 2.16
C SER E 254 30.46 32.04 1.54
N MET E 255 31.28 31.21 2.19
CA MET E 255 31.61 29.91 1.63
C MET E 255 30.38 29.02 1.55
N LEU E 256 29.56 28.99 2.61
CA LEU E 256 28.33 28.21 2.54
C LEU E 256 27.37 28.80 1.53
N GLY E 257 27.21 30.12 1.51
CA GLY E 257 26.39 30.75 0.50
C GLY E 257 26.95 30.60 -0.89
N GLY E 258 28.26 30.79 -1.04
CA GLY E 258 28.88 30.68 -2.35
C GLY E 258 28.82 29.27 -2.92
N LEU E 259 29.02 28.26 -2.07
CA LEU E 259 28.91 26.89 -2.54
C LEU E 259 27.47 26.52 -2.89
N SER E 260 26.51 27.00 -2.11
CA SER E 260 25.11 26.71 -2.41
C SER E 260 24.70 27.27 -3.76
N VAL E 261 25.09 28.51 -4.05
CA VAL E 261 24.82 29.07 -5.37
C VAL E 261 25.67 28.37 -6.42
N GLY E 262 26.92 28.07 -6.08
CA GLY E 262 27.78 27.37 -7.02
C GLY E 262 27.28 25.95 -7.31
N LEU E 263 26.74 25.29 -6.29
CA LEU E 263 26.21 23.94 -6.50
C LEU E 263 24.94 23.96 -7.34
N SER E 264 24.06 24.94 -7.09
CA SER E 264 22.85 25.05 -7.91
C SER E 264 23.19 25.33 -9.36
N PHE E 265 24.15 26.23 -9.60
CA PHE E 265 24.54 26.55 -10.97
C PHE E 265 25.21 25.36 -11.65
N LEU E 266 26.10 24.66 -10.93
CA LEU E 266 26.79 23.53 -11.55
C LEU E 266 25.82 22.41 -11.92
N LEU E 267 24.88 22.09 -11.03
CA LEU E 267 23.97 20.99 -11.29
C LEU E 267 22.93 21.37 -12.32
N ASN E 268 22.41 22.59 -12.27
CA ASN E 268 21.40 23.01 -13.24
C ASN E 268 21.98 23.24 -14.63
N THR E 269 23.30 23.25 -14.77
CA THR E 269 23.89 23.31 -16.10
C THR E 269 24.02 21.92 -16.72
N VAL E 270 24.36 20.92 -15.90
CA VAL E 270 24.42 19.56 -16.39
C VAL E 270 23.02 19.05 -16.73
N SER E 271 22.03 19.45 -15.92
CA SER E 271 20.65 19.06 -16.21
C SER E 271 20.20 19.64 -17.55
N VAL E 272 20.53 20.91 -17.81
CA VAL E 272 20.21 21.51 -19.11
C VAL E 272 21.03 20.85 -20.21
N ALA E 273 22.29 20.49 -19.90
CA ALA E 273 23.10 19.81 -20.90
C ALA E 273 22.58 18.41 -21.22
N THR E 274 21.69 17.86 -20.40
CA THR E 274 21.09 16.57 -20.69
C THR E 274 19.78 16.68 -21.47
N LEU E 275 18.93 17.65 -21.12
CA LEU E 275 17.69 17.83 -21.88
C LEU E 275 17.96 18.26 -23.31
N CYS E 276 18.93 19.14 -23.52
CA CYS E 276 19.28 19.55 -24.88
C CYS E 276 19.85 18.39 -25.68
N HIS E 277 20.60 17.50 -25.03
CA HIS E 277 21.07 16.29 -25.69
C HIS E 277 19.89 15.42 -26.13
N VAL E 278 18.87 15.29 -25.28
CA VAL E 278 17.66 14.58 -25.67
C VAL E 278 16.89 15.35 -26.73
N TYR E 279 16.81 16.67 -26.58
CA TYR E 279 16.08 17.49 -27.53
C TYR E 279 16.71 17.41 -28.92
N HIS E 280 18.03 17.45 -29.01
CA HIS E 280 18.73 17.32 -30.29
C HIS E 280 18.68 15.90 -30.84
N GLY E 281 18.22 14.93 -30.06
CA GLY E 281 18.14 13.56 -30.54
C GLY E 281 17.19 13.41 -31.71
N GLN E 282 17.65 12.74 -32.77
CA GLN E 282 16.83 12.56 -33.96
C GLN E 282 15.55 11.80 -33.65
N GLU E 283 15.68 10.65 -32.98
CA GLU E 283 14.51 9.85 -32.64
C GLU E 283 13.58 10.61 -31.70
N ALA E 284 14.14 11.28 -30.70
CA ALA E 284 13.32 12.01 -29.73
C ALA E 284 12.54 13.12 -30.41
N ALA E 285 13.16 13.79 -31.39
CA ALA E 285 12.48 14.90 -32.08
C ALA E 285 11.21 14.42 -32.77
N GLN E 286 11.27 13.25 -33.42
CA GLN E 286 10.12 12.71 -34.13
C GLN E 286 9.28 11.76 -33.28
N GLN E 287 9.78 11.35 -32.11
CA GLN E 287 9.01 10.44 -31.26
C GLN E 287 7.72 11.08 -30.78
N ARG E 288 7.78 12.34 -30.35
CA ARG E 288 6.61 13.03 -29.82
C ARG E 288 6.89 14.52 -29.86
N PRO E 289 5.86 15.36 -29.63
CA PRO E 289 6.12 16.80 -29.52
C PRO E 289 6.80 17.14 -28.21
N ARG E 290 8.10 17.45 -28.26
CA ARG E 290 8.90 17.70 -27.07
C ARG E 290 8.65 19.13 -26.59
N ASP E 291 7.53 19.30 -25.90
CA ASP E 291 7.21 20.59 -25.28
C ASP E 291 7.42 20.58 -23.78
N SER E 292 7.42 19.42 -23.13
CA SER E 292 7.67 19.37 -21.71
C SER E 292 9.14 19.58 -21.39
N GLU E 293 10.05 19.12 -22.26
CA GLU E 293 11.46 19.37 -22.04
C GLU E 293 11.82 20.83 -22.25
N VAL E 294 11.08 21.52 -23.13
CA VAL E 294 11.31 22.95 -23.32
C VAL E 294 10.95 23.71 -22.05
N GLU E 295 9.83 23.37 -21.43
CA GLU E 295 9.42 24.07 -20.21
C GLU E 295 10.41 23.83 -19.07
N MET E 296 11.11 22.69 -19.09
CA MET E 296 12.10 22.44 -18.05
C MET E 296 13.37 23.25 -18.28
N MET E 297 13.78 23.43 -19.53
CA MET E 297 14.95 24.26 -19.80
C MET E 297 14.70 25.69 -19.34
N ALA E 298 13.51 26.22 -19.61
CA ALA E 298 13.19 27.57 -19.18
C ALA E 298 13.19 27.67 -17.66
N GLN E 299 12.66 26.65 -16.98
CA GLN E 299 12.62 26.68 -15.52
C GLN E 299 14.03 26.58 -14.93
N LEU E 300 14.87 25.73 -15.50
CA LEU E 300 16.24 25.63 -15.01
C LEU E 300 17.05 26.88 -15.29
N LEU E 301 16.85 27.47 -16.47
CA LEU E 301 17.58 28.70 -16.79
C LEU E 301 17.14 29.85 -15.91
N GLY E 302 15.86 29.88 -15.51
CA GLY E 302 15.43 30.90 -14.56
C GLY E 302 16.13 30.77 -13.22
N ILE E 303 16.36 29.54 -12.77
CA ILE E 303 17.09 29.32 -11.53
C ILE E 303 18.55 29.71 -11.69
N MET E 304 19.14 29.42 -12.85
CA MET E 304 20.53 29.77 -13.11
C MET E 304 20.77 31.28 -13.19
N VAL E 305 19.72 32.09 -13.28
CA VAL E 305 19.83 33.53 -13.38
C VAL E 305 19.39 34.21 -12.09
N VAL E 306 18.21 33.87 -11.59
CA VAL E 306 17.69 34.52 -10.40
C VAL E 306 18.58 34.25 -9.19
N ALA E 307 19.00 32.99 -9.03
CA ALA E 307 19.83 32.66 -7.87
C ALA E 307 21.20 33.33 -7.95
N SER E 308 21.83 33.33 -9.13
CA SER E 308 23.18 33.86 -9.23
C SER E 308 23.20 35.38 -9.16
N VAL E 309 22.28 36.04 -9.87
CA VAL E 309 22.30 37.49 -9.93
C VAL E 309 21.94 38.10 -8.58
N CYS E 310 21.00 37.49 -7.88
CA CYS E 310 20.53 38.09 -6.63
C CYS E 310 21.51 37.89 -5.48
N TRP E 311 22.18 36.74 -5.42
CA TRP E 311 22.96 36.39 -4.23
C TRP E 311 24.45 36.56 -4.39
N LEU E 312 25.01 36.31 -5.57
CA LEU E 312 26.46 36.41 -5.72
C LEU E 312 27.02 37.80 -5.40
N PRO E 313 26.42 38.90 -5.84
CA PRO E 313 26.98 40.21 -5.44
C PRO E 313 27.04 40.41 -3.93
N LEU E 314 26.04 39.92 -3.19
CA LEU E 314 26.08 40.08 -1.74
C LEU E 314 27.18 39.23 -1.12
N LEU E 315 27.33 37.98 -1.57
CA LEU E 315 28.35 37.11 -1.00
C LEU E 315 29.75 37.60 -1.32
N VAL E 316 29.97 38.08 -2.54
CA VAL E 316 31.28 38.61 -2.90
C VAL E 316 31.57 39.90 -2.14
N PHE E 317 30.53 40.73 -1.93
CA PHE E 317 30.72 41.98 -1.21
C PHE E 317 31.20 41.72 0.21
N ILE E 318 30.61 40.74 0.89
CA ILE E 318 31.03 40.42 2.24
C ILE E 318 32.46 39.88 2.25
N ALA E 319 32.78 39.03 1.28
CA ALA E 319 34.12 38.43 1.24
C ALA E 319 35.20 39.49 1.03
N GLN E 320 34.95 40.46 0.16
CA GLN E 320 35.97 41.49 -0.10
C GLN E 320 36.05 42.48 1.05
N THR E 321 34.90 42.84 1.63
CA THR E 321 34.89 43.86 2.67
C THR E 321 35.66 43.41 3.90
N VAL E 322 35.50 42.15 4.30
CA VAL E 322 36.18 41.66 5.50
C VAL E 322 37.68 41.59 5.27
N LEU E 323 38.12 41.23 4.06
CA LEU E 323 39.53 41.05 3.77
C LEU E 323 40.22 42.33 3.34
N ARG E 324 39.54 43.47 3.35
CA ARG E 324 40.16 44.72 2.94
C ARG E 324 41.24 45.15 3.92
N ASN E 325 42.37 45.59 3.38
CA ASN E 325 43.46 46.17 4.17
C ASN E 325 43.73 47.58 3.66
N PRO E 326 43.50 48.63 4.45
CA PRO E 326 43.05 48.65 5.85
C PRO E 326 41.60 48.20 6.02
N PRO E 327 41.20 47.80 7.23
CA PRO E 327 39.83 47.33 7.45
C PRO E 327 38.81 48.41 7.11
N ALA E 328 37.67 47.97 6.57
CA ALA E 328 36.61 48.90 6.20
C ALA E 328 35.93 49.51 7.42
N MET E 329 36.08 48.93 8.60
CA MET E 329 35.49 49.46 9.82
C MET E 329 36.58 50.10 10.66
N SER E 330 36.32 51.33 11.10
CA SER E 330 37.26 52.04 11.95
C SER E 330 37.35 51.37 13.32
N PRO E 331 38.49 51.51 14.01
CA PRO E 331 38.60 50.93 15.36
C PRO E 331 37.53 51.43 16.31
N ALA E 332 37.07 52.68 16.15
CA ALA E 332 35.98 53.18 16.99
C ALA E 332 34.68 52.45 16.73
N GLY E 333 34.52 51.83 15.57
CA GLY E 333 33.32 51.07 15.26
C GLY E 333 32.39 51.78 14.31
N GLN E 334 32.94 52.45 13.30
CA GLN E 334 32.15 53.17 12.31
C GLN E 334 32.63 52.79 10.91
N LEU E 335 31.69 52.38 10.07
CA LEU E 335 31.99 52.05 8.68
C LEU E 335 31.97 53.32 7.83
N SER E 336 32.65 53.25 6.69
CA SER E 336 32.60 54.34 5.73
C SER E 336 31.20 54.44 5.14
N ARG E 337 30.76 55.68 4.89
CA ARG E 337 29.40 55.90 4.40
C ARG E 337 29.18 55.25 3.04
N THR E 338 30.22 55.18 2.21
CA THR E 338 30.09 54.52 0.92
C THR E 338 29.82 53.03 1.10
N THR E 339 30.51 52.38 2.03
CA THR E 339 30.32 50.95 2.25
C THR E 339 28.98 50.66 2.92
N GLU E 340 28.51 51.56 3.78
CA GLU E 340 27.23 51.33 4.46
C GLU E 340 26.08 51.27 3.46
N LYS E 341 26.09 52.14 2.45
CA LYS E 341 25.02 52.12 1.46
C LYS E 341 25.15 50.95 0.50
N GLU E 342 26.38 50.53 0.18
CA GLU E 342 26.55 49.40 -0.72
C GLU E 342 25.98 48.12 -0.13
N LEU E 343 26.21 47.88 1.16
CA LEU E 343 25.63 46.71 1.80
C LEU E 343 24.11 46.78 1.81
N LEU E 344 23.56 47.98 2.03
CA LEU E 344 22.11 48.13 1.99
C LEU E 344 21.56 47.84 0.60
N ILE E 345 22.24 48.32 -0.44
CA ILE E 345 21.78 48.09 -1.80
C ILE E 345 21.85 46.61 -2.15
N TYR E 346 22.99 45.97 -1.84
CA TYR E 346 23.14 44.55 -2.17
C TYR E 346 22.16 43.69 -1.39
N LEU E 347 21.81 44.08 -0.17
CA LEU E 347 20.79 43.33 0.58
C LEU E 347 19.45 43.40 -0.13
N ARG E 348 19.08 44.57 -0.65
CA ARG E 348 17.82 44.68 -1.39
C ARG E 348 17.87 43.89 -2.69
N VAL E 349 19.04 43.77 -3.31
CA VAL E 349 19.16 42.91 -4.48
C VAL E 349 18.89 41.46 -4.11
N ALA E 350 19.45 41.00 -3.00
CA ALA E 350 19.20 39.64 -2.54
C ALA E 350 17.81 39.45 -1.96
N THR E 351 17.07 40.53 -1.71
CA THR E 351 15.71 40.39 -1.22
C THR E 351 14.81 39.77 -2.28
N TRP E 352 15.00 40.16 -3.55
CA TRP E 352 14.13 39.67 -4.62
C TRP E 352 14.24 38.17 -4.84
N ASN E 353 15.34 37.54 -4.42
CA ASN E 353 15.47 36.10 -4.60
C ASN E 353 14.38 35.35 -3.83
N GLN E 354 13.98 35.87 -2.66
CA GLN E 354 12.86 35.31 -1.93
C GLN E 354 11.52 35.72 -2.53
N ILE E 355 11.49 36.70 -3.42
CA ILE E 355 10.26 37.12 -4.09
C ILE E 355 10.13 36.41 -5.42
N LEU E 356 11.27 36.02 -6.02
CA LEU E 356 11.23 35.35 -7.31
C LEU E 356 11.24 33.83 -7.20
N ASP E 357 11.69 33.26 -6.08
CA ASP E 357 11.58 31.82 -5.91
C ASP E 357 10.15 31.31 -6.01
N PRO E 358 9.13 31.94 -5.42
CA PRO E 358 7.76 31.48 -5.68
C PRO E 358 7.35 31.65 -7.13
N TRP E 359 8.04 32.50 -7.89
CA TRP E 359 7.69 32.71 -9.29
C TRP E 359 8.39 31.73 -10.23
N VAL E 360 9.72 31.65 -10.15
CA VAL E 360 10.45 30.81 -11.10
C VAL E 360 10.18 29.34 -10.84
N TYR E 361 10.06 28.94 -9.58
CA TYR E 361 9.82 27.53 -9.27
C TYR E 361 8.38 27.11 -9.59
N ILE E 362 7.41 27.99 -9.37
CA ILE E 362 6.02 27.58 -9.45
C ILE E 362 5.21 28.37 -10.47
N LEU E 363 5.13 29.68 -10.29
CA LEU E 363 4.15 30.47 -11.03
C LEU E 363 4.49 30.61 -12.51
N PHE E 364 5.76 30.52 -12.89
CA PHE E 364 6.11 30.64 -14.30
C PHE E 364 5.76 29.41 -15.11
N ARG E 365 5.14 28.39 -14.50
CA ARG E 365 4.77 27.18 -15.22
C ARG E 365 3.52 27.41 -16.05
N ARG E 366 3.55 26.92 -17.29
CA ARG E 366 2.37 27.03 -18.15
C ARG E 366 1.23 26.16 -17.64
N ALA E 367 1.55 25.09 -16.93
CA ALA E 367 0.53 24.25 -16.31
C ALA E 367 0.00 24.83 -15.01
N VAL E 368 0.58 25.92 -14.51
CA VAL E 368 0.08 26.59 -13.32
C VAL E 368 -0.66 27.86 -13.72
N LEU E 369 -0.17 28.54 -14.76
CA LEU E 369 -0.88 29.69 -15.28
C LEU E 369 -2.27 29.33 -15.78
N ARG E 370 -2.40 28.15 -16.40
CA ARG E 370 -3.70 27.72 -16.89
C ARG E 370 -4.68 27.50 -15.75
N ARG E 371 -4.21 26.96 -14.64
CA ARG E 371 -5.10 26.71 -13.49
C ARG E 371 -5.63 28.00 -12.90
N LEU E 372 -4.80 29.04 -12.86
CA LEU E 372 -5.21 30.31 -12.26
C LEU E 372 -6.38 30.94 -13.03
N GLN E 373 -6.34 30.89 -14.35
CA GLN E 373 -7.38 31.45 -15.18
C GLN E 373 -8.69 30.68 -15.01
#